data_6WVQ
#
_entry.id   6WVQ
#
_cell.length_a   105.060
_cell.length_b   105.060
_cell.length_c   323.331
_cell.angle_alpha   90.000
_cell.angle_beta   90.000
_cell.angle_gamma   120.000
#
_symmetry.space_group_name_H-M   'P 31 2 1'
#
loop_
_entity.id
_entity.type
_entity.pdbx_description
1 polymer Acetylcholinesterase
2 branched 2-acetamido-2-deoxy-beta-D-glucopyranose-(1-4)-[alpha-L-fucopyranose-(1-6)]2-acetamido-2-deoxy-beta-D-glucopyranose
3 non-polymer 2-acetamido-2-deoxy-beta-D-glucopyranose
4 non-polymer 2-(2-(2-(2-(2-(2-ETHOXYETHOXY)ETHOXY)ETHOXY)ETHOXY)ETHOXY)ETHANOL
5 non-polymer '(1S)-2,2-dimethylcyclopentyl (R)-methylphosphinate'
6 water water
#
_entity_poly.entity_id   1
_entity_poly.type   'polypeptide(L)'
_entity_poly.pdbx_seq_one_letter_code
;GREDAELLVTVRGGRLRGIRLKTPGGPVSAFLGIPFAEPPMGPRRFLPPEPKQPWSGVVDATTFQSVCYQYVDTLYPGFE
GTEMWNPNRELSEDCLYLNVWTPYPRPTSPTPVLVWIYGGGFYSGASSLDVYDGRFLVQAERTVLVSMNYRVGAFGFLAL
PGSREAPGNVGLLDQRLALQWVQENVAAFGGDPTSVTLFGESAGAASVGMHLLSPPSRGLFHRAVLQSGAPNGPWATVGM
GEARRRATQLAHLVGCPPGGTGGNDTELVACLRTRPAQVLVNHEWHVLPQESVFRFSFVPVVDGDFLSDTPEALINAGDF
HGLQVLVGVVKDEGSYFLVYGAPGFSKDNESLISRAEFLAGVRVGVPQVSDLAAEAVVLHYTDWLHPEDPARLREALSDV
VGDHNVVCPVAQLAGRLAAQGARVYAYVFEHRASTLSWPLWMGVPHGYEIEFIFGIPLDPSRNYTAEEKIFAQRLMRYWA
NFARTGDPNEPRDPKAPQWPPYTAGAQQYVSLDLRPLEVRRGLRAQACAFWNRFLPKLLSAT
;
_entity_poly.pdbx_strand_id   A,B
#
# COMPACT_ATOMS: atom_id res chain seq x y z
N ARG A 2 15.65 10.89 20.82
CA ARG A 2 15.93 12.30 20.50
C ARG A 2 15.16 12.79 19.28
N GLU A 3 15.88 13.05 18.17
CA GLU A 3 15.26 13.65 16.99
C GLU A 3 15.58 12.84 15.74
N ASP A 4 14.64 12.86 14.80
CA ASP A 4 14.77 12.26 13.47
C ASP A 4 14.96 13.41 12.48
N ALA A 5 16.12 13.45 11.83
CA ALA A 5 16.45 14.59 10.98
C ALA A 5 15.53 14.72 9.77
N GLU A 6 14.92 13.61 9.32
CA GLU A 6 13.99 13.69 8.21
C GLU A 6 12.72 14.44 8.60
N LEU A 7 12.34 14.39 9.88
CA LEU A 7 11.12 15.01 10.35
C LEU A 7 11.34 16.44 10.81
N LEU A 8 12.49 17.03 10.50
CA LEU A 8 12.84 18.39 10.90
C LEU A 8 13.18 19.19 9.66
N VAL A 9 12.58 20.36 9.53
CA VAL A 9 12.72 21.19 8.34
C VAL A 9 12.72 22.64 8.79
N THR A 10 13.50 23.47 8.12
CA THR A 10 13.50 24.90 8.38
C THR A 10 12.91 25.63 7.18
N VAL A 11 11.84 26.38 7.40
CA VAL A 11 11.24 27.24 6.39
C VAL A 11 11.58 28.67 6.78
N ARG A 12 11.20 29.65 5.96
CA ARG A 12 11.62 31.01 6.25
C ARG A 12 11.04 31.52 7.56
N GLY A 13 9.89 31.00 7.96
CA GLY A 13 9.28 31.45 9.21
C GLY A 13 9.96 30.94 10.46
N GLY A 14 10.67 29.84 10.38
CA GLY A 14 11.20 29.18 11.56
C GLY A 14 11.25 27.68 11.34
N ARG A 15 11.40 26.96 12.45
CA ARG A 15 11.62 25.53 12.40
C ARG A 15 10.34 24.76 12.63
N LEU A 16 10.27 23.56 12.02
CA LEU A 16 9.10 22.71 12.01
C LEU A 16 9.50 21.29 12.36
N ARG A 17 8.60 20.59 13.03
CA ARG A 17 8.73 19.15 13.28
C ARG A 17 7.52 18.45 12.69
N GLY A 18 7.76 17.36 11.96
CA GLY A 18 6.71 16.61 11.31
C GLY A 18 6.54 15.22 11.90
N ILE A 19 5.78 14.40 11.19
CA ILE A 19 5.56 13.03 11.60
C ILE A 19 5.87 12.09 10.45
N ARG A 20 6.13 10.85 10.80
CA ARG A 20 6.39 9.80 9.85
C ARG A 20 5.14 8.94 9.74
N LEU A 21 4.58 8.87 8.53
CA LEU A 21 3.32 8.18 8.26
C LEU A 21 3.58 6.81 7.67
N LYS A 22 2.94 5.80 8.24
CA LYS A 22 2.93 4.49 7.60
C LYS A 22 1.98 4.50 6.40
N THR A 23 2.41 3.91 5.31
CA THR A 23 1.54 3.65 4.18
C THR A 23 1.78 2.23 3.70
N PRO A 24 0.77 1.60 3.06
CA PRO A 24 0.96 0.27 2.46
C PRO A 24 2.25 0.09 1.69
N GLY A 25 2.72 1.12 0.99
CA GLY A 25 3.95 0.98 0.24
C GLY A 25 5.21 1.46 0.91
N GLY A 26 5.14 1.98 2.14
CA GLY A 26 6.32 2.49 2.80
C GLY A 26 6.11 3.84 3.47
N PRO A 27 7.12 4.33 4.19
CA PRO A 27 6.94 5.54 4.99
C PRO A 27 6.86 6.80 4.16
N VAL A 28 6.11 7.77 4.68
CA VAL A 28 6.01 9.12 4.12
C VAL A 28 6.20 10.12 5.25
N SER A 29 6.82 11.26 4.94
CA SER A 29 6.95 12.36 5.89
C SER A 29 5.80 13.34 5.68
N ALA A 30 5.09 13.65 6.76
CA ALA A 30 3.99 14.59 6.71
C ALA A 30 4.26 15.76 7.65
N PHE A 31 4.01 16.97 7.17
CA PHE A 31 4.07 18.18 7.96
C PHE A 31 2.67 18.78 7.88
N LEU A 32 1.84 18.46 8.87
CA LEU A 32 0.43 18.82 8.87
C LEU A 32 0.19 19.98 9.81
N GLY A 33 -0.53 21.00 9.35
CA GLY A 33 -0.80 22.13 10.22
C GLY A 33 0.30 23.15 10.27
N ILE A 34 0.90 23.49 9.13
CA ILE A 34 1.90 24.55 9.09
C ILE A 34 1.18 25.89 8.98
N PRO A 35 1.37 26.82 9.91
CA PRO A 35 0.74 28.13 9.78
C PRO A 35 1.35 28.90 8.62
N PHE A 36 0.50 29.43 7.75
CA PHE A 36 1.02 30.27 6.68
C PHE A 36 0.48 31.68 6.69
N ALA A 37 -0.55 31.96 7.49
CA ALA A 37 -1.03 33.31 7.70
C ALA A 37 -1.22 33.57 9.19
N GLU A 38 -1.17 34.84 9.56
CA GLU A 38 -1.65 35.23 10.89
C GLU A 38 -3.13 34.88 10.99
N PRO A 39 -3.59 34.42 12.15
CA PRO A 39 -5.01 34.04 12.29
C PRO A 39 -5.94 35.19 11.96
N PRO A 40 -6.87 35.01 11.03
CA PRO A 40 -7.79 36.11 10.65
C PRO A 40 -8.97 36.26 11.61
N MET A 41 -8.66 36.47 12.89
CA MET A 41 -9.64 36.65 13.96
C MET A 41 -9.92 38.12 14.23
N GLY A 42 -11.08 38.36 14.84
CA GLY A 42 -11.40 39.65 15.41
C GLY A 42 -11.36 40.77 14.38
N PRO A 43 -10.43 41.71 14.58
CA PRO A 43 -10.27 42.80 13.61
C PRO A 43 -9.87 42.35 12.22
N ARG A 44 -9.34 41.14 12.06
CA ARG A 44 -8.89 40.67 10.76
C ARG A 44 -9.91 39.85 10.01
N ARG A 45 -11.08 39.62 10.59
CA ARG A 45 -12.17 38.98 9.87
C ARG A 45 -12.52 39.79 8.62
N PHE A 46 -12.71 39.08 7.49
CA PHE A 46 -13.03 39.65 6.18
C PHE A 46 -11.83 40.30 5.49
N LEU A 47 -10.69 40.40 6.17
CA LEU A 47 -9.55 41.10 5.59
C LEU A 47 -8.65 40.14 4.83
N PRO A 48 -7.84 40.66 3.90
CA PRO A 48 -6.87 39.80 3.22
C PRO A 48 -5.96 39.14 4.23
N PRO A 49 -5.46 37.95 3.92
CA PRO A 49 -4.53 37.27 4.82
C PRO A 49 -3.22 38.02 4.94
N GLU A 50 -2.69 38.09 6.18
CA GLU A 50 -1.32 38.55 6.40
C GLU A 50 -0.40 37.36 6.57
N PRO A 51 0.81 37.46 6.01
CA PRO A 51 1.77 36.38 6.13
C PRO A 51 2.11 36.11 7.60
N LYS A 52 2.35 34.83 7.90
CA LYS A 52 2.71 34.43 9.25
C LYS A 52 4.02 35.08 9.67
N GLN A 53 4.02 35.71 10.83
CA GLN A 53 5.24 36.30 11.39
CA GLN A 53 5.25 36.29 11.35
C GLN A 53 6.20 35.18 11.81
N PRO A 54 7.51 35.34 11.61
CA PRO A 54 8.44 34.29 12.01
C PRO A 54 8.35 33.98 13.51
N TRP A 55 8.76 32.77 13.86
CA TRP A 55 8.70 32.27 15.23
C TRP A 55 10.04 31.67 15.62
N SER A 56 10.37 31.78 16.91
CA SER A 56 11.51 31.05 17.45
C SER A 56 11.04 29.70 17.98
N GLY A 57 11.98 28.77 18.09
CA GLY A 57 11.64 27.42 18.51
C GLY A 57 11.05 26.59 17.38
N VAL A 58 10.45 25.47 17.75
CA VAL A 58 9.99 24.46 16.79
C VAL A 58 8.47 24.33 16.87
N VAL A 59 7.81 24.60 15.74
CA VAL A 59 6.38 24.37 15.59
C VAL A 59 6.15 22.90 15.28
N ASP A 60 5.26 22.26 16.03
CA ASP A 60 4.90 20.87 15.74
C ASP A 60 3.83 20.87 14.65
N ALA A 61 4.23 20.45 13.44
CA ALA A 61 3.30 20.27 12.32
C ALA A 61 2.99 18.77 12.24
N THR A 62 2.16 18.31 13.18
CA THR A 62 1.98 16.89 13.42
C THR A 62 0.53 16.43 13.37
N THR A 63 -0.41 17.32 13.11
CA THR A 63 -1.80 16.92 12.95
C THR A 63 -2.50 18.05 12.22
N PHE A 64 -3.58 17.72 11.53
CA PHE A 64 -4.35 18.72 10.81
C PHE A 64 -4.90 19.75 11.79
N GLN A 65 -4.87 21.02 11.37
CA GLN A 65 -5.44 22.08 12.18
C GLN A 65 -6.95 22.19 11.93
N SER A 66 -7.55 23.20 12.55
CA SER A 66 -8.99 23.36 12.56
C SER A 66 -9.55 23.62 11.17
N VAL A 67 -10.82 23.26 11.00
CA VAL A 67 -11.59 23.54 9.79
C VAL A 67 -12.11 24.98 9.86
N CYS A 68 -11.98 25.72 8.76
CA CYS A 68 -12.53 27.07 8.71
C CYS A 68 -14.03 27.03 8.99
N TYR A 69 -14.53 28.01 9.75
CA TYR A 69 -15.95 28.04 10.10
C TYR A 69 -16.84 27.90 8.89
N GLN A 70 -17.83 27.02 8.99
CA GLN A 70 -18.65 26.69 7.84
C GLN A 70 -19.91 25.97 8.30
N TYR A 71 -20.93 26.09 7.46
CA TYR A 71 -22.16 25.35 7.64
C TYR A 71 -21.89 23.84 7.60
N VAL A 72 -22.68 23.08 8.36
CA VAL A 72 -22.52 21.64 8.45
C VAL A 72 -23.79 20.98 7.96
N ASP A 73 -23.66 20.09 6.99
CA ASP A 73 -24.82 19.48 6.37
C ASP A 73 -25.53 18.53 7.32
N THR A 74 -26.84 18.70 7.48
CA THR A 74 -27.66 17.83 8.33
C THR A 74 -28.82 17.19 7.57
N LEU A 75 -28.76 17.15 6.22
CA LEU A 75 -29.88 16.61 5.45
C LEU A 75 -30.12 15.14 5.76
N TYR A 76 -29.04 14.37 5.91
CA TYR A 76 -29.14 12.93 6.16
C TYR A 76 -28.21 12.59 7.31
N PRO A 77 -28.64 12.82 8.56
CA PRO A 77 -27.72 12.71 9.69
C PRO A 77 -27.21 11.29 9.85
N GLY A 78 -25.89 11.16 9.97
CA GLY A 78 -25.25 9.86 10.07
C GLY A 78 -25.04 9.14 8.76
N PHE A 79 -25.55 9.68 7.64
CA PHE A 79 -25.35 9.06 6.34
C PHE A 79 -23.91 9.24 5.88
N GLU A 80 -23.26 8.14 5.49
CA GLU A 80 -21.87 8.19 5.07
C GLU A 80 -21.67 9.11 3.87
N GLY A 81 -22.64 9.15 2.95
CA GLY A 81 -22.46 9.92 1.72
C GLY A 81 -22.39 11.43 1.93
N THR A 82 -23.03 11.93 2.98
CA THR A 82 -22.89 13.34 3.32
C THR A 82 -21.84 13.60 4.40
N GLU A 83 -21.68 12.69 5.37
CA GLU A 83 -20.75 12.94 6.48
C GLU A 83 -19.31 12.99 6.02
N MET A 84 -18.97 12.27 4.95
CA MET A 84 -17.59 12.28 4.47
C MET A 84 -17.12 13.67 4.05
N TRP A 85 -18.04 14.61 3.80
CA TRP A 85 -17.70 15.97 3.39
C TRP A 85 -17.77 16.97 4.54
N ASN A 86 -18.27 16.56 5.69
CA ASN A 86 -18.45 17.42 6.84
C ASN A 86 -17.13 17.57 7.61
N PRO A 87 -16.99 18.65 8.39
CA PRO A 87 -15.72 18.86 9.10
C PRO A 87 -15.36 17.70 10.02
N ASN A 88 -14.09 17.32 9.99
CA ASN A 88 -13.55 16.31 10.89
C ASN A 88 -12.52 16.91 11.85
N ARG A 89 -12.52 18.23 12.02
CA ARG A 89 -11.80 18.91 13.08
C ARG A 89 -12.73 20.00 13.61
N GLU A 90 -12.35 20.59 14.74
CA GLU A 90 -13.16 21.66 15.29
CA GLU A 90 -13.13 21.68 15.31
C GLU A 90 -13.21 22.84 14.33
N LEU A 91 -14.34 23.54 14.33
CA LEU A 91 -14.50 24.76 13.55
C LEU A 91 -13.82 25.94 14.25
N SER A 92 -13.06 26.71 13.50
CA SER A 92 -12.42 27.90 14.07
C SER A 92 -12.15 28.90 12.96
N GLU A 93 -12.18 30.18 13.30
CA GLU A 93 -11.69 31.19 12.36
C GLU A 93 -10.17 31.18 12.26
N ASP A 94 -9.50 30.56 13.23
CA ASP A 94 -8.06 30.34 13.24
C ASP A 94 -7.80 29.06 12.44
N CYS A 95 -7.77 29.18 11.10
CA CYS A 95 -7.73 28.00 10.26
C CYS A 95 -6.73 28.07 9.11
N LEU A 96 -5.90 29.09 9.03
CA LEU A 96 -5.06 29.27 7.85
C LEU A 96 -3.75 28.49 8.00
N TYR A 97 -3.85 27.18 7.75
CA TYR A 97 -2.74 26.24 7.84
C TYR A 97 -2.67 25.41 6.56
N LEU A 98 -1.47 24.97 6.20
CA LEU A 98 -1.30 24.10 5.05
C LEU A 98 -0.54 22.83 5.45
N ASN A 99 -0.51 21.87 4.54
CA ASN A 99 0.02 20.54 4.79
C ASN A 99 0.99 20.17 3.68
N VAL A 100 2.11 19.53 4.04
CA VAL A 100 3.10 19.06 3.08
C VAL A 100 3.37 17.59 3.35
N TRP A 101 3.19 16.74 2.33
CA TRP A 101 3.65 15.36 2.35
C TRP A 101 4.81 15.20 1.37
N THR A 102 5.82 14.46 1.79
CA THR A 102 7.03 14.27 1.00
C THR A 102 7.51 12.84 1.23
N PRO A 103 8.30 12.30 0.30
CA PRO A 103 8.81 10.92 0.50
C PRO A 103 9.79 10.84 1.66
N TYR A 104 9.90 9.62 2.20
CA TYR A 104 10.81 9.30 3.30
C TYR A 104 11.75 8.18 2.87
N PRO A 105 13.04 8.49 2.68
CA PRO A 105 13.71 9.76 2.98
C PRO A 105 13.39 10.88 2.01
N ARG A 106 13.69 12.10 2.44
CA ARG A 106 13.42 13.30 1.66
C ARG A 106 14.07 13.17 0.27
N PRO A 107 13.43 13.68 -0.78
CA PRO A 107 14.01 13.56 -2.12
C PRO A 107 15.39 14.20 -2.20
N THR A 108 16.29 13.53 -2.91
CA THR A 108 17.65 14.04 -3.06
C THR A 108 17.73 15.17 -4.09
N SER A 109 16.94 15.07 -5.16
CA SER A 109 16.87 16.07 -6.22
C SER A 109 15.47 16.65 -6.32
N PRO A 110 15.32 17.89 -6.80
CA PRO A 110 14.00 18.55 -6.80
C PRO A 110 12.89 17.72 -7.44
N THR A 111 11.76 17.64 -6.74
CA THR A 111 10.66 16.76 -7.06
C THR A 111 9.40 17.56 -7.39
N PRO A 112 8.67 17.20 -8.44
CA PRO A 112 7.47 17.96 -8.82
C PRO A 112 6.43 17.99 -7.71
N VAL A 113 5.72 19.11 -7.64
CA VAL A 113 4.78 19.38 -6.56
C VAL A 113 3.35 19.39 -7.08
N LEU A 114 2.47 18.65 -6.40
CA LEU A 114 1.03 18.73 -6.57
C LEU A 114 0.42 19.54 -5.42
N VAL A 115 -0.37 20.55 -5.75
CA VAL A 115 -1.02 21.42 -4.75
C VAL A 115 -2.53 21.27 -4.90
N TRP A 116 -3.16 20.66 -3.88
CA TRP A 116 -4.59 20.38 -3.88
C TRP A 116 -5.39 21.55 -3.31
N ILE A 117 -6.49 21.88 -3.97
CA ILE A 117 -7.44 22.90 -3.53
C ILE A 117 -8.80 22.24 -3.43
N TYR A 118 -9.31 22.09 -2.21
CA TYR A 118 -10.57 21.39 -2.05
C TYR A 118 -11.73 22.23 -2.55
N GLY A 119 -12.82 21.52 -2.90
CA GLY A 119 -14.10 22.12 -3.18
C GLY A 119 -15.02 22.14 -1.96
N GLY A 120 -16.30 22.39 -2.22
CA GLY A 120 -17.29 22.60 -1.18
C GLY A 120 -18.12 23.86 -1.43
N GLY A 121 -18.21 24.25 -2.70
CA GLY A 121 -19.05 25.35 -3.13
C GLY A 121 -18.66 26.71 -2.57
N PHE A 122 -17.41 26.87 -2.13
CA PHE A 122 -16.91 28.08 -1.50
C PHE A 122 -17.56 28.34 -0.15
N TYR A 123 -18.45 27.47 0.33
CA TYR A 123 -19.02 27.58 1.67
C TYR A 123 -18.58 26.49 2.63
N SER A 124 -17.83 25.49 2.19
CA SER A 124 -17.45 24.37 3.05
C SER A 124 -16.18 23.73 2.50
N GLY A 125 -15.73 22.70 3.19
CA GLY A 125 -14.53 21.99 2.80
C GLY A 125 -13.42 22.14 3.83
N ALA A 126 -12.42 21.27 3.70
CA ALA A 126 -11.26 21.28 4.58
C ALA A 126 -10.19 20.40 3.97
N SER A 127 -8.92 20.79 4.18
CA SER A 127 -7.84 19.94 3.69
C SER A 127 -7.65 18.68 4.53
N SER A 128 -8.35 18.56 5.66
CA SER A 128 -8.14 17.43 6.57
C SER A 128 -9.05 16.25 6.26
N LEU A 129 -10.00 16.38 5.33
CA LEU A 129 -10.92 15.28 5.07
C LEU A 129 -10.17 14.02 4.67
N ASP A 130 -10.68 12.88 5.10
CA ASP A 130 -10.02 11.59 4.87
C ASP A 130 -9.79 11.35 3.39
N VAL A 131 -10.70 11.81 2.54
CA VAL A 131 -10.60 11.55 1.11
C VAL A 131 -9.50 12.35 0.43
N TYR A 132 -8.91 13.33 1.12
CA TYR A 132 -7.83 14.16 0.59
C TYR A 132 -6.47 13.76 1.19
N ASP A 133 -6.41 12.61 1.86
CA ASP A 133 -5.17 12.11 2.45
C ASP A 133 -4.10 11.95 1.37
N GLY A 134 -3.07 12.77 1.43
CA GLY A 134 -2.02 12.74 0.41
C GLY A 134 -0.96 11.67 0.55
N ARG A 135 -1.05 10.78 1.54
CA ARG A 135 0.06 9.85 1.78
C ARG A 135 0.19 8.84 0.63
N PHE A 136 -0.93 8.41 0.04
CA PHE A 136 -0.86 7.39 -1.01
C PHE A 136 -0.28 7.95 -2.31
N LEU A 137 -0.71 9.15 -2.71
CA LEU A 137 -0.14 9.77 -3.91
C LEU A 137 1.36 9.91 -3.78
N VAL A 138 1.82 10.42 -2.63
CA VAL A 138 3.23 10.68 -2.45
C VAL A 138 4.03 9.39 -2.48
N GLN A 139 3.52 8.36 -1.80
CA GLN A 139 4.18 7.07 -1.78
C GLN A 139 4.16 6.41 -3.17
N ALA A 140 3.00 6.36 -3.83
CA ALA A 140 2.92 5.68 -5.12
C ALA A 140 3.77 6.37 -6.17
N GLU A 141 3.71 7.69 -6.25
CA GLU A 141 4.26 8.40 -7.41
C GLU A 141 5.42 9.31 -7.07
N ARG A 142 5.77 9.44 -5.79
CA ARG A 142 6.97 10.15 -5.34
C ARG A 142 7.01 11.58 -5.88
N THR A 143 5.90 12.27 -5.71
CA THR A 143 5.86 13.72 -5.80
C THR A 143 5.78 14.27 -4.37
N VAL A 144 5.85 15.57 -4.26
CA VAL A 144 5.49 16.28 -3.04
C VAL A 144 4.05 16.76 -3.21
N LEU A 145 3.23 16.59 -2.17
CA LEU A 145 1.87 17.08 -2.19
C LEU A 145 1.67 18.15 -1.12
N VAL A 146 1.01 19.23 -1.51
CA VAL A 146 0.65 20.33 -0.63
C VAL A 146 -0.86 20.52 -0.69
N SER A 147 -1.48 20.79 0.46
CA SER A 147 -2.88 21.22 0.50
C SER A 147 -2.98 22.32 1.53
N MET A 148 -3.90 23.25 1.30
CA MET A 148 -4.09 24.36 2.24
C MET A 148 -5.56 24.47 2.59
N ASN A 149 -5.81 25.05 3.76
CA ASN A 149 -7.13 25.54 4.13
C ASN A 149 -7.28 26.99 3.65
N TYR A 150 -8.50 27.35 3.27
CA TYR A 150 -8.81 28.71 2.88
C TYR A 150 -10.19 29.05 3.40
N ARG A 151 -10.39 30.31 3.75
CA ARG A 151 -11.67 30.73 4.33
C ARG A 151 -12.81 30.55 3.33
N VAL A 152 -13.94 30.06 3.83
CA VAL A 152 -15.12 29.81 3.04
C VAL A 152 -16.28 30.61 3.63
N GLY A 153 -17.42 30.57 2.94
CA GLY A 153 -18.58 31.29 3.41
C GLY A 153 -18.38 32.80 3.45
N ALA A 154 -19.15 33.45 4.33
CA ALA A 154 -18.96 34.89 4.50
C ALA A 154 -17.53 35.23 4.89
N PHE A 155 -16.88 34.35 5.66
CA PHE A 155 -15.54 34.67 6.15
C PHE A 155 -14.54 34.78 5.01
N GLY A 156 -14.79 34.08 3.91
CA GLY A 156 -13.86 34.08 2.80
C GLY A 156 -14.30 34.93 1.63
N PHE A 157 -15.61 35.18 1.51
CA PHE A 157 -16.14 35.69 0.26
C PHE A 157 -17.27 36.71 0.43
N LEU A 158 -17.61 37.10 1.65
CA LEU A 158 -18.51 38.24 1.79
C LEU A 158 -17.81 39.47 1.24
N ALA A 159 -18.53 40.24 0.43
CA ALA A 159 -17.90 41.34 -0.29
C ALA A 159 -18.80 42.55 -0.20
N LEU A 160 -18.25 43.66 0.27
CA LEU A 160 -18.88 44.96 0.03
C LEU A 160 -17.93 45.64 -0.95
N PRO A 161 -18.16 45.47 -2.25
CA PRO A 161 -17.13 45.84 -3.23
C PRO A 161 -16.82 47.33 -3.15
N GLY A 162 -15.54 47.65 -3.30
CA GLY A 162 -15.04 48.98 -3.06
C GLY A 162 -14.52 49.23 -1.65
N SER A 163 -15.11 48.58 -0.64
CA SER A 163 -14.72 48.85 0.75
C SER A 163 -13.36 48.27 1.07
N ARG A 164 -12.65 48.94 1.96
CA ARG A 164 -11.41 48.43 2.50
C ARG A 164 -11.63 47.33 3.54
N GLU A 165 -12.78 47.32 4.21
CA GLU A 165 -13.02 46.46 5.36
C GLU A 165 -13.54 45.07 4.99
N ALA A 166 -14.15 44.91 3.82
CA ALA A 166 -14.56 43.59 3.33
C ALA A 166 -14.48 43.61 1.81
N PRO A 167 -13.26 43.56 1.26
CA PRO A 167 -13.10 43.72 -0.19
C PRO A 167 -13.59 42.53 -0.99
N GLY A 168 -13.84 41.38 -0.36
CA GLY A 168 -14.17 40.17 -1.06
C GLY A 168 -12.95 39.40 -1.51
N ASN A 169 -13.20 38.17 -1.95
CA ASN A 169 -12.20 37.27 -2.53
C ASN A 169 -11.05 36.92 -1.57
N VAL A 170 -11.19 37.14 -0.26
CA VAL A 170 -10.03 36.92 0.60
C VAL A 170 -9.72 35.41 0.71
N GLY A 171 -10.73 34.54 0.57
CA GLY A 171 -10.45 33.12 0.47
C GLY A 171 -9.54 32.78 -0.71
N LEU A 172 -9.66 33.52 -1.81
CA LEU A 172 -8.77 33.25 -2.93
C LEU A 172 -7.38 33.81 -2.65
N LEU A 173 -7.32 34.93 -1.92
CA LEU A 173 -6.05 35.43 -1.41
C LEU A 173 -5.41 34.48 -0.41
N ASP A 174 -6.21 33.77 0.39
CA ASP A 174 -5.65 32.71 1.23
C ASP A 174 -4.94 31.67 0.38
N GLN A 175 -5.60 31.23 -0.70
CA GLN A 175 -5.01 30.23 -1.58
C GLN A 175 -3.75 30.77 -2.24
N ARG A 176 -3.77 32.04 -2.68
CA ARG A 176 -2.58 32.61 -3.29
C ARG A 176 -1.41 32.69 -2.32
N LEU A 177 -1.68 33.11 -1.06
CA LEU A 177 -0.61 33.17 -0.08
C LEU A 177 0.01 31.79 0.11
N ALA A 178 -0.82 30.74 0.15
CA ALA A 178 -0.29 29.39 0.28
C ALA A 178 0.60 29.04 -0.90
N LEU A 179 0.21 29.45 -2.11
CA LEU A 179 1.02 29.18 -3.30
C LEU A 179 2.33 29.97 -3.26
N GLN A 180 2.30 31.21 -2.79
CA GLN A 180 3.53 31.95 -2.54
C GLN A 180 4.40 31.23 -1.52
N TRP A 181 3.78 30.65 -0.49
CA TRP A 181 4.52 29.87 0.48
C TRP A 181 5.21 28.69 -0.19
N VAL A 182 4.53 28.03 -1.13
CA VAL A 182 5.11 26.89 -1.83
C VAL A 182 6.34 27.32 -2.63
N GLN A 183 6.25 28.46 -3.33
CA GLN A 183 7.41 28.98 -4.05
C GLN A 183 8.59 29.23 -3.12
N GLU A 184 8.34 29.89 -1.98
CA GLU A 184 9.45 30.25 -1.11
C GLU A 184 10.00 29.08 -0.28
N ASN A 185 9.22 28.02 -0.06
CA ASN A 185 9.58 27.04 0.95
C ASN A 185 9.58 25.59 0.52
N VAL A 186 9.03 25.24 -0.66
CA VAL A 186 8.84 23.82 -0.97
C VAL A 186 10.17 23.13 -1.20
N ALA A 187 11.20 23.86 -1.63
CA ALA A 187 12.52 23.26 -1.82
C ALA A 187 13.06 22.65 -0.53
N ALA A 188 12.74 23.27 0.62
CA ALA A 188 13.19 22.72 1.90
C ALA A 188 12.69 21.29 2.11
N PHE A 189 11.58 20.92 1.47
CA PHE A 189 11.05 19.56 1.60
C PHE A 189 11.47 18.65 0.45
N GLY A 190 12.29 19.15 -0.48
CA GLY A 190 12.64 18.40 -1.66
C GLY A 190 11.77 18.69 -2.88
N GLY A 191 10.90 19.68 -2.79
CA GLY A 191 10.02 20.00 -3.88
C GLY A 191 10.62 21.01 -4.82
N ASP A 192 10.21 20.91 -6.09
CA ASP A 192 10.71 21.77 -7.15
C ASP A 192 9.75 22.92 -7.35
N PRO A 193 10.09 24.14 -6.92
CA PRO A 193 9.19 25.28 -7.17
C PRO A 193 9.01 25.63 -8.64
N THR A 194 9.85 25.11 -9.53
CA THR A 194 9.66 25.35 -10.95
C THR A 194 8.77 24.30 -11.61
N SER A 195 8.21 23.36 -10.85
CA SER A 195 7.29 22.35 -11.39
C SER A 195 6.13 22.16 -10.41
N VAL A 196 5.20 23.12 -10.38
CA VAL A 196 4.05 23.07 -9.49
C VAL A 196 2.77 22.92 -10.31
N THR A 197 2.00 21.88 -10.00
CA THR A 197 0.76 21.56 -10.67
C THR A 197 -0.38 21.73 -9.67
N LEU A 198 -1.25 22.71 -9.91
CA LEU A 198 -2.47 22.86 -9.12
C LEU A 198 -3.51 21.84 -9.53
N PHE A 199 -4.20 21.27 -8.58
CA PHE A 199 -5.36 20.48 -8.94
C PHE A 199 -6.43 20.64 -7.88
N GLY A 200 -7.67 20.56 -8.33
CA GLY A 200 -8.80 20.86 -7.48
C GLY A 200 -10.06 20.34 -8.11
N GLU A 201 -11.09 20.22 -7.29
CA GLU A 201 -12.34 19.63 -7.72
C GLU A 201 -13.49 20.53 -7.29
N SER A 202 -14.47 20.71 -8.20
CA SER A 202 -15.65 21.58 -8.02
C SER A 202 -15.19 23.02 -7.71
N ALA A 203 -15.56 23.60 -6.56
CA ALA A 203 -15.09 24.95 -6.25
C ALA A 203 -13.57 25.02 -6.23
N GLY A 204 -12.90 23.92 -5.90
CA GLY A 204 -11.44 23.91 -6.01
C GLY A 204 -10.97 24.00 -7.45
N ALA A 205 -11.71 23.33 -8.36
CA ALA A 205 -11.42 23.43 -9.79
C ALA A 205 -11.66 24.85 -10.30
N ALA A 206 -12.78 25.46 -9.90
CA ALA A 206 -13.01 26.85 -10.25
C ALA A 206 -11.92 27.76 -9.70
N SER A 207 -11.47 27.51 -8.46
CA SER A 207 -10.36 28.29 -7.90
C SER A 207 -9.11 28.13 -8.76
N VAL A 208 -8.77 26.89 -9.12
CA VAL A 208 -7.63 26.66 -10.00
C VAL A 208 -7.75 27.52 -11.25
N GLY A 209 -8.94 27.53 -11.87
CA GLY A 209 -9.15 28.33 -13.07
C GLY A 209 -9.01 29.82 -12.80
N MET A 210 -9.50 30.29 -11.65
CA MET A 210 -9.34 31.70 -11.36
C MET A 210 -7.89 32.09 -11.18
N HIS A 211 -7.06 31.18 -10.64
CA HIS A 211 -5.63 31.48 -10.57
C HIS A 211 -5.00 31.51 -11.97
N LEU A 212 -5.52 30.69 -12.90
CA LEU A 212 -5.09 30.79 -14.29
C LEU A 212 -5.36 32.17 -14.86
N LEU A 213 -6.47 32.79 -14.49
CA LEU A 213 -6.96 34.02 -15.09
C LEU A 213 -6.54 35.26 -14.31
N SER A 214 -5.80 35.11 -13.21
CA SER A 214 -5.36 36.26 -12.42
C SER A 214 -3.85 36.33 -12.51
N PRO A 215 -3.28 37.34 -13.16
CA PRO A 215 -1.83 37.34 -13.45
C PRO A 215 -0.96 37.19 -12.21
N PRO A 216 -1.28 37.82 -11.07
CA PRO A 216 -0.40 37.64 -9.90
C PRO A 216 -0.34 36.21 -9.40
N SER A 217 -1.36 35.37 -9.66
CA SER A 217 -1.28 33.96 -9.29
C SER A 217 -0.56 33.14 -10.33
N ARG A 218 -0.61 33.57 -11.58
CA ARG A 218 -0.17 32.75 -12.70
C ARG A 218 1.33 32.48 -12.64
N GLY A 219 2.09 33.37 -12.00
CA GLY A 219 3.51 33.11 -11.82
C GLY A 219 3.85 32.01 -10.83
N LEU A 220 2.88 31.53 -10.05
CA LEU A 220 3.13 30.64 -8.93
C LEU A 220 2.92 29.16 -9.26
N PHE A 221 2.54 28.82 -10.49
CA PHE A 221 2.38 27.42 -10.87
C PHE A 221 2.57 27.28 -12.38
N HIS A 222 2.63 26.03 -12.82
CA HIS A 222 2.98 25.70 -14.18
C HIS A 222 1.92 24.90 -14.93
N ARG A 223 1.15 24.08 -14.24
CA ARG A 223 0.08 23.32 -14.87
C ARG A 223 -1.14 23.33 -13.97
N ALA A 224 -2.24 22.87 -14.52
CA ALA A 224 -3.51 22.92 -13.82
C ALA A 224 -4.33 21.69 -14.16
N VAL A 225 -5.07 21.19 -13.15
CA VAL A 225 -6.01 20.10 -13.29
C VAL A 225 -7.35 20.58 -12.71
N LEU A 226 -8.40 20.56 -13.53
CA LEU A 226 -9.72 21.03 -13.12
C LEU A 226 -10.70 19.85 -13.19
N GLN A 227 -11.08 19.33 -12.03
CA GLN A 227 -12.00 18.20 -11.93
C GLN A 227 -13.39 18.72 -11.61
N SER A 228 -14.33 18.54 -12.54
CA SER A 228 -15.75 18.79 -12.27
C SER A 228 -16.01 20.23 -11.81
N GLY A 229 -15.33 21.19 -12.43
CA GLY A 229 -15.60 22.58 -12.12
C GLY A 229 -14.78 23.47 -13.03
N ALA A 230 -15.21 24.72 -13.13
CA ALA A 230 -14.62 25.71 -14.02
C ALA A 230 -14.92 27.09 -13.44
N PRO A 231 -14.05 28.08 -13.64
CA PRO A 231 -14.32 29.41 -13.08
C PRO A 231 -15.49 30.12 -13.75
N ASN A 232 -15.87 29.69 -14.97
CA ASN A 232 -16.97 30.27 -15.73
C ASN A 232 -18.33 29.67 -15.42
N GLY A 233 -18.43 28.71 -14.50
CA GLY A 233 -19.72 28.21 -14.09
C GLY A 233 -20.66 29.27 -13.50
N PRO A 234 -21.97 29.15 -13.78
CA PRO A 234 -22.95 30.13 -13.27
C PRO A 234 -23.01 30.27 -11.73
N TRP A 235 -22.33 29.42 -10.98
CA TRP A 235 -22.37 29.44 -9.52
C TRP A 235 -21.09 29.96 -8.90
N ALA A 236 -20.02 30.03 -9.68
CA ALA A 236 -18.67 30.19 -9.18
C ALA A 236 -18.27 31.65 -8.99
N THR A 237 -18.99 32.58 -9.60
CA THR A 237 -18.73 34.00 -9.40
C THR A 237 -20.05 34.72 -9.28
N VAL A 238 -19.97 35.96 -8.81
CA VAL A 238 -21.14 36.81 -8.60
C VAL A 238 -20.70 38.22 -8.98
N GLY A 239 -21.67 39.04 -9.41
CA GLY A 239 -21.38 40.42 -9.73
C GLY A 239 -21.28 41.30 -8.49
N MET A 240 -20.71 42.50 -8.68
CA MET A 240 -20.49 43.41 -7.56
C MET A 240 -21.80 43.77 -6.87
N GLY A 241 -22.84 44.05 -7.64
CA GLY A 241 -24.09 44.48 -7.04
C GLY A 241 -24.79 43.35 -6.30
N GLU A 242 -24.80 42.15 -6.89
CA GLU A 242 -25.41 41.03 -6.20
C GLU A 242 -24.61 40.64 -4.95
N ALA A 243 -23.29 40.79 -4.97
CA ALA A 243 -22.48 40.51 -3.78
C ALA A 243 -22.81 41.50 -2.67
N ARG A 244 -22.88 42.79 -3.01
CA ARG A 244 -23.27 43.80 -2.03
C ARG A 244 -24.66 43.52 -1.48
N ARG A 245 -25.58 43.11 -2.33
CA ARG A 245 -26.93 42.82 -1.86
C ARG A 245 -26.94 41.69 -0.84
N ARG A 246 -26.22 40.61 -1.14
CA ARG A 246 -26.15 39.47 -0.22
C ARG A 246 -25.44 39.85 1.08
N ALA A 247 -24.33 40.58 0.99
CA ALA A 247 -23.64 41.02 2.20
C ALA A 247 -24.54 41.89 3.05
N THR A 248 -25.28 42.79 2.40
CA THR A 248 -26.12 43.73 3.14
C THR A 248 -27.31 43.02 3.77
N GLN A 249 -27.90 42.05 3.06
CA GLN A 249 -29.00 41.32 3.68
C GLN A 249 -28.52 40.44 4.83
N LEU A 250 -27.30 39.90 4.76
CA LEU A 250 -26.79 39.10 5.86
C LEU A 250 -26.60 39.97 7.09
N ALA A 251 -25.92 41.10 6.93
CA ALA A 251 -25.78 42.07 8.01
C ALA A 251 -27.15 42.44 8.59
N HIS A 252 -28.12 42.70 7.71
CA HIS A 252 -29.45 43.04 8.17
C HIS A 252 -30.07 41.92 8.98
N LEU A 253 -29.86 40.67 8.57
CA LEU A 253 -30.49 39.55 9.27
C LEU A 253 -29.88 39.29 10.65
N VAL A 254 -28.70 39.84 10.94
CA VAL A 254 -28.03 39.66 12.22
C VAL A 254 -27.91 40.96 12.99
N GLY A 255 -28.64 42.00 12.59
CA GLY A 255 -28.72 43.23 13.34
C GLY A 255 -27.78 44.35 12.95
N CYS A 256 -27.21 44.31 11.75
CA CYS A 256 -26.26 45.33 11.35
C CYS A 256 -26.72 46.13 10.12
N PRO A 257 -26.86 47.45 10.26
CA PRO A 257 -26.54 48.16 11.50
C PRO A 257 -27.77 48.27 12.39
N PRO A 258 -27.59 48.72 13.65
CA PRO A 258 -28.69 49.13 14.52
C PRO A 258 -29.68 50.08 13.81
N THR A 261 -30.47 50.07 6.01
CA THR A 261 -29.88 48.75 6.19
C THR A 261 -28.41 48.76 5.76
N GLY A 262 -28.00 49.78 5.01
CA GLY A 262 -26.63 49.86 4.56
C GLY A 262 -25.81 50.87 5.33
N GLY A 263 -25.54 52.03 4.71
CA GLY A 263 -24.81 53.10 5.38
C GLY A 263 -23.31 53.08 5.11
N ASN A 264 -22.53 53.59 6.07
CA ASN A 264 -21.07 53.45 6.05
C ASN A 264 -20.70 51.98 5.96
N ASP A 265 -19.88 51.62 4.97
CA ASP A 265 -19.38 50.25 4.92
C ASP A 265 -18.52 49.93 6.13
N THR A 266 -17.72 50.90 6.58
CA THR A 266 -16.85 50.69 7.73
C THR A 266 -17.65 50.32 8.97
N GLU A 267 -18.75 51.04 9.23
CA GLU A 267 -19.53 50.74 10.42
C GLU A 267 -20.27 49.41 10.28
N LEU A 268 -20.76 49.10 9.07
CA LEU A 268 -21.48 47.86 8.89
C LEU A 268 -20.57 46.65 9.09
N VAL A 269 -19.34 46.70 8.57
CA VAL A 269 -18.45 45.57 8.76
C VAL A 269 -18.03 45.49 10.22
N ALA A 270 -17.75 46.63 10.87
CA ALA A 270 -17.39 46.61 12.28
C ALA A 270 -18.49 45.94 13.10
N CYS A 271 -19.75 46.23 12.81
CA CYS A 271 -20.82 45.54 13.50
C CYS A 271 -20.82 44.05 13.17
N LEU A 272 -20.53 43.68 11.92
CA LEU A 272 -20.49 42.25 11.58
C LEU A 272 -19.36 41.53 12.30
N ARG A 273 -18.25 42.22 12.55
CA ARG A 273 -17.13 41.61 13.27
C ARG A 273 -17.49 41.25 14.70
N THR A 274 -18.48 41.92 15.30
CA THR A 274 -18.85 41.60 16.68
C THR A 274 -19.77 40.40 16.76
N ARG A 275 -20.21 39.87 15.65
CA ARG A 275 -21.12 38.73 15.75
C ARG A 275 -20.35 37.43 15.89
N PRO A 276 -20.84 36.49 16.70
CA PRO A 276 -20.23 35.16 16.73
C PRO A 276 -20.24 34.51 15.35
N ALA A 277 -19.15 33.81 15.02
CA ALA A 277 -19.04 33.14 13.73
C ALA A 277 -20.27 32.29 13.44
N GLN A 278 -20.71 31.49 14.41
CA GLN A 278 -21.86 30.62 14.18
C GLN A 278 -23.13 31.42 13.87
N VAL A 279 -23.25 32.64 14.40
CA VAL A 279 -24.43 33.46 14.08
C VAL A 279 -24.47 33.78 12.59
N LEU A 280 -23.33 34.15 12.00
CA LEU A 280 -23.28 34.42 10.57
C LEU A 280 -23.66 33.18 9.77
N VAL A 281 -23.01 32.04 10.10
CA VAL A 281 -23.29 30.77 9.43
C VAL A 281 -24.77 30.42 9.49
N ASN A 282 -25.43 30.70 10.61
CA ASN A 282 -26.84 30.30 10.74
C ASN A 282 -27.76 31.02 9.78
N HIS A 283 -27.35 32.18 9.25
CA HIS A 283 -28.20 32.93 8.34
C HIS A 283 -27.68 32.90 6.90
N GLU A 284 -26.64 32.12 6.63
CA GLU A 284 -25.93 32.21 5.35
C GLU A 284 -26.86 31.87 4.18
N TRP A 285 -27.65 30.80 4.30
CA TRP A 285 -28.44 30.37 3.16
C TRP A 285 -29.63 31.28 2.88
N HIS A 286 -29.99 32.14 3.82
CA HIS A 286 -31.15 33.01 3.67
C HIS A 286 -30.92 34.20 2.75
N VAL A 287 -29.68 34.47 2.31
CA VAL A 287 -29.48 35.61 1.43
C VAL A 287 -29.62 35.26 -0.06
N LEU A 288 -29.84 34.00 -0.41
CA LEU A 288 -29.98 33.65 -1.81
C LEU A 288 -31.30 34.20 -2.37
N PRO A 289 -31.30 34.68 -3.61
CA PRO A 289 -32.50 35.34 -4.15
C PRO A 289 -33.68 34.40 -4.40
N GLN A 290 -33.49 33.09 -4.52
CA GLN A 290 -34.63 32.18 -4.70
C GLN A 290 -34.24 30.79 -4.23
N GLU A 291 -35.25 29.93 -4.09
CA GLU A 291 -35.00 28.52 -3.87
C GLU A 291 -34.27 27.94 -5.08
N SER A 292 -33.25 27.14 -4.83
CA SER A 292 -32.38 26.68 -5.92
C SER A 292 -31.64 25.43 -5.46
N VAL A 293 -30.88 24.85 -6.39
CA VAL A 293 -29.82 23.90 -6.08
C VAL A 293 -28.60 24.36 -6.85
N PHE A 294 -27.42 24.02 -6.34
CA PHE A 294 -26.16 24.38 -6.97
C PHE A 294 -25.96 25.90 -7.00
N ARG A 295 -26.46 26.61 -6.00
CA ARG A 295 -26.17 28.03 -5.81
C ARG A 295 -25.69 28.26 -4.38
N PHE A 296 -24.68 29.12 -4.23
CA PHE A 296 -24.04 29.32 -2.93
C PHE A 296 -23.89 30.81 -2.66
N SER A 297 -24.11 31.19 -1.40
CA SER A 297 -24.33 32.59 -1.06
C SER A 297 -23.09 33.45 -1.32
N PHE A 298 -21.93 33.02 -0.85
CA PHE A 298 -20.75 33.86 -0.86
C PHE A 298 -19.67 33.18 -1.69
N VAL A 299 -19.38 33.76 -2.85
CA VAL A 299 -18.49 33.14 -3.83
C VAL A 299 -17.61 34.26 -4.38
N PRO A 300 -16.55 33.96 -5.12
CA PRO A 300 -15.74 35.02 -5.71
C PRO A 300 -16.58 36.06 -6.45
N VAL A 301 -16.19 37.32 -6.29
CA VAL A 301 -16.88 38.47 -6.88
C VAL A 301 -16.02 39.00 -8.03
N VAL A 302 -16.67 39.32 -9.14
CA VAL A 302 -15.98 39.94 -10.27
C VAL A 302 -15.98 41.44 -10.04
N ASP A 303 -14.88 41.95 -9.54
CA ASP A 303 -14.73 43.35 -9.21
C ASP A 303 -13.57 44.07 -9.89
N GLY A 304 -12.91 43.42 -10.82
CA GLY A 304 -11.80 44.03 -11.49
C GLY A 304 -10.49 43.91 -10.78
N ASP A 305 -10.45 43.30 -9.62
CA ASP A 305 -9.20 43.16 -8.90
C ASP A 305 -8.60 41.79 -9.07
N PHE A 306 -9.10 40.78 -8.38
CA PHE A 306 -8.55 39.44 -8.56
C PHE A 306 -8.88 39.03 -9.98
N LEU A 307 -10.10 39.29 -10.39
CA LEU A 307 -10.55 39.07 -11.76
C LEU A 307 -10.83 40.42 -12.41
N SER A 308 -10.03 40.78 -13.41
CA SER A 308 -10.25 42.06 -14.08
C SER A 308 -11.51 42.06 -14.95
N ASP A 309 -12.06 40.89 -15.24
CA ASP A 309 -13.29 40.75 -16.01
C ASP A 309 -13.92 39.42 -15.64
N THR A 310 -15.08 39.13 -16.21
CA THR A 310 -15.70 37.84 -15.99
C THR A 310 -14.75 36.74 -16.47
N PRO A 311 -14.84 35.53 -15.90
CA PRO A 311 -13.97 34.44 -16.37
C PRO A 311 -14.19 34.04 -17.83
N GLU A 312 -15.42 34.13 -18.35
CA GLU A 312 -15.60 33.84 -19.77
C GLU A 312 -14.87 34.84 -20.65
N ALA A 313 -15.01 36.14 -20.34
CA ALA A 313 -14.29 37.15 -21.10
C ALA A 313 -12.78 36.93 -21.03
N LEU A 314 -12.26 36.56 -19.85
CA LEU A 314 -10.81 36.37 -19.73
C LEU A 314 -10.37 35.12 -20.46
N ILE A 315 -11.20 34.08 -20.43
CA ILE A 315 -10.92 32.87 -21.19
C ILE A 315 -10.91 33.18 -22.68
N ASN A 316 -11.92 33.92 -23.17
CA ASN A 316 -12.00 34.22 -24.60
C ASN A 316 -10.84 35.11 -25.05
N ALA A 317 -10.38 36.02 -24.21
CA ALA A 317 -9.37 36.99 -24.58
C ALA A 317 -7.96 36.55 -24.23
N GLY A 318 -7.77 35.33 -23.73
CA GLY A 318 -6.51 34.94 -23.18
C GLY A 318 -5.61 34.26 -24.19
N ASP A 319 -4.30 34.45 -24.01
CA ASP A 319 -3.29 33.71 -24.75
C ASP A 319 -2.72 32.65 -23.82
N PHE A 320 -2.90 31.38 -24.18
CA PHE A 320 -2.58 30.27 -23.30
C PHE A 320 -1.50 29.36 -23.86
N HIS A 321 -0.67 29.86 -24.77
CA HIS A 321 0.47 29.06 -25.25
C HIS A 321 1.42 28.76 -24.10
N GLY A 322 1.95 27.55 -24.08
CA GLY A 322 2.83 27.11 -23.03
C GLY A 322 2.15 26.59 -21.78
N LEU A 323 0.84 26.31 -21.84
CA LEU A 323 0.08 25.81 -20.72
C LEU A 323 -0.43 24.43 -21.05
N GLN A 324 -0.38 23.52 -20.08
CA GLN A 324 -1.06 22.24 -20.20
C GLN A 324 -2.11 22.17 -19.09
N VAL A 325 -3.30 21.70 -19.46
CA VAL A 325 -4.39 21.53 -18.50
C VAL A 325 -4.97 20.14 -18.69
N LEU A 326 -5.46 19.58 -17.60
CA LEU A 326 -6.22 18.34 -17.62
C LEU A 326 -7.57 18.64 -16.96
N VAL A 327 -8.65 18.30 -17.65
CA VAL A 327 -9.98 18.65 -17.20
C VAL A 327 -10.87 17.43 -17.37
N GLY A 328 -11.94 17.39 -16.60
CA GLY A 328 -12.83 16.24 -16.71
C GLY A 328 -14.03 16.43 -15.84
N VAL A 329 -14.95 15.47 -15.95
CA VAL A 329 -16.19 15.47 -15.20
C VAL A 329 -16.49 14.02 -14.86
N VAL A 330 -17.41 13.82 -13.92
CA VAL A 330 -17.90 12.48 -13.63
C VAL A 330 -19.11 12.23 -14.53
N LYS A 331 -19.63 11.01 -14.50
CA LYS A 331 -20.68 10.63 -15.44
C LYS A 331 -22.02 11.27 -15.11
N ASP A 332 -22.32 11.51 -13.82
CA ASP A 332 -23.61 12.07 -13.40
C ASP A 332 -23.38 13.28 -12.49
N GLU A 333 -22.91 14.37 -13.09
CA GLU A 333 -22.61 15.59 -12.34
C GLU A 333 -23.83 16.08 -11.56
N GLY A 334 -25.03 15.94 -12.14
CA GLY A 334 -26.20 16.62 -11.62
C GLY A 334 -26.97 15.91 -10.51
N SER A 335 -26.78 14.61 -10.35
CA SER A 335 -27.70 13.81 -9.52
C SER A 335 -27.66 14.22 -8.05
N TYR A 336 -26.46 14.32 -7.48
CA TYR A 336 -26.28 14.63 -6.06
C TYR A 336 -27.13 15.82 -5.63
N PHE A 337 -27.15 16.86 -6.45
CA PHE A 337 -27.74 18.13 -6.06
C PHE A 337 -29.26 18.12 -6.04
N LEU A 338 -29.90 17.19 -6.76
CA LEU A 338 -31.35 17.20 -6.89
C LEU A 338 -32.05 16.94 -5.56
N VAL A 339 -31.46 16.11 -4.69
CA VAL A 339 -32.10 15.83 -3.41
C VAL A 339 -32.03 16.99 -2.44
N TYR A 340 -31.43 18.12 -2.84
CA TYR A 340 -31.34 19.30 -1.99
C TYR A 340 -32.37 20.37 -2.35
N GLY A 341 -33.47 20.01 -3.01
CA GLY A 341 -34.50 20.98 -3.26
C GLY A 341 -35.38 20.73 -4.46
N ALA A 342 -34.95 19.89 -5.38
CA ALA A 342 -35.78 19.60 -6.54
C ALA A 342 -37.02 18.82 -6.08
N PRO A 343 -38.23 19.30 -6.37
CA PRO A 343 -39.45 18.59 -5.93
C PRO A 343 -39.47 17.16 -6.44
N GLY A 344 -39.84 16.24 -5.55
CA GLY A 344 -39.96 14.83 -5.88
C GLY A 344 -38.71 13.99 -5.67
N PHE A 345 -37.62 14.58 -5.20
CA PHE A 345 -36.35 13.88 -5.17
C PHE A 345 -35.98 13.47 -3.75
N SER A 346 -35.46 12.26 -3.62
CA SER A 346 -34.96 11.75 -2.36
C SER A 346 -33.87 10.73 -2.67
N LYS A 347 -32.82 10.70 -1.84
CA LYS A 347 -31.91 9.57 -1.92
C LYS A 347 -32.60 8.27 -1.50
N ASP A 348 -33.72 8.35 -0.79
CA ASP A 348 -34.35 7.20 -0.17
C ASP A 348 -35.48 6.59 -0.98
N ASN A 349 -35.77 7.09 -2.17
CA ASN A 349 -36.63 6.38 -3.11
C ASN A 349 -36.05 6.55 -4.50
N GLU A 350 -36.78 6.10 -5.52
CA GLU A 350 -36.28 6.11 -6.89
CA GLU A 350 -36.25 6.13 -6.88
C GLU A 350 -36.46 7.47 -7.58
N SER A 351 -37.13 8.42 -6.93
CA SER A 351 -37.26 9.79 -7.46
C SER A 351 -37.79 9.78 -8.90
N LEU A 352 -38.85 9.00 -9.13
CA LEU A 352 -39.49 8.95 -10.44
C LEU A 352 -40.50 10.09 -10.50
N ILE A 353 -40.03 11.26 -10.91
CA ILE A 353 -40.82 12.48 -10.82
C ILE A 353 -41.86 12.53 -11.95
N SER A 354 -42.86 13.37 -11.75
CA SER A 354 -43.88 13.67 -12.73
C SER A 354 -43.39 14.78 -13.67
N ARG A 355 -44.14 14.97 -14.77
CA ARG A 355 -43.86 16.08 -15.67
C ARG A 355 -43.98 17.41 -14.95
N ALA A 356 -45.01 17.56 -14.13
CA ALA A 356 -45.18 18.80 -13.37
C ALA A 356 -44.01 19.04 -12.44
N GLU A 357 -43.50 17.98 -11.80
CA GLU A 357 -42.33 18.13 -10.94
C GLU A 357 -41.07 18.42 -11.75
N PHE A 358 -40.99 17.89 -12.96
CA PHE A 358 -39.88 18.22 -13.85
C PHE A 358 -39.87 19.70 -14.18
N LEU A 359 -41.03 20.24 -14.59
CA LEU A 359 -41.12 21.64 -14.95
C LEU A 359 -40.79 22.55 -13.77
N ALA A 360 -41.27 22.20 -12.58
CA ALA A 360 -40.92 22.98 -11.39
C ALA A 360 -39.44 22.86 -11.08
N GLY A 361 -38.86 21.67 -11.26
CA GLY A 361 -37.44 21.48 -11.01
C GLY A 361 -36.56 22.31 -11.92
N VAL A 362 -36.99 22.50 -13.17
CA VAL A 362 -36.20 23.30 -14.10
C VAL A 362 -35.95 24.69 -13.54
N ARG A 363 -36.96 25.29 -12.89
CA ARG A 363 -36.80 26.63 -12.31
C ARG A 363 -35.91 26.61 -11.07
N VAL A 364 -35.86 25.48 -10.35
CA VAL A 364 -34.96 25.35 -9.20
C VAL A 364 -33.53 25.13 -9.68
N GLY A 365 -33.36 24.31 -10.72
CA GLY A 365 -32.03 24.00 -11.23
C GLY A 365 -31.46 25.02 -12.18
N VAL A 366 -32.31 25.90 -12.72
CA VAL A 366 -31.83 27.03 -13.50
C VAL A 366 -32.46 28.28 -12.91
N PRO A 367 -32.02 28.72 -11.74
CA PRO A 367 -32.68 29.82 -11.07
C PRO A 367 -32.36 31.14 -11.72
N GLN A 368 -33.29 32.09 -11.55
CA GLN A 368 -33.08 33.49 -11.93
C GLN A 368 -32.86 33.67 -13.43
N VAL A 369 -33.68 33.01 -14.26
CA VAL A 369 -33.73 33.29 -15.68
C VAL A 369 -35.18 33.54 -16.09
N SER A 370 -35.34 34.18 -17.25
CA SER A 370 -36.67 34.51 -17.76
C SER A 370 -37.50 33.24 -18.00
N ASP A 371 -38.82 33.41 -18.08
CA ASP A 371 -39.68 32.31 -18.48
C ASP A 371 -39.30 31.77 -19.86
N LEU A 372 -38.93 32.67 -20.77
CA LEU A 372 -38.53 32.25 -22.11
C LEU A 372 -37.33 31.32 -22.04
N ALA A 373 -36.31 31.72 -21.27
CA ALA A 373 -35.12 30.89 -21.09
C ALA A 373 -35.49 29.53 -20.52
N ALA A 374 -36.36 29.50 -19.52
CA ALA A 374 -36.81 28.24 -18.94
C ALA A 374 -37.51 27.38 -19.99
N GLU A 375 -38.35 27.99 -20.84
CA GLU A 375 -39.00 27.25 -21.91
C GLU A 375 -37.97 26.67 -22.89
N ALA A 376 -36.92 27.43 -23.19
CA ALA A 376 -35.87 26.89 -24.04
C ALA A 376 -35.20 25.68 -23.41
N VAL A 377 -35.01 25.71 -22.09
CA VAL A 377 -34.46 24.53 -21.40
C VAL A 377 -35.40 23.34 -21.56
N VAL A 378 -36.69 23.56 -21.31
CA VAL A 378 -37.68 22.48 -21.40
C VAL A 378 -37.74 21.92 -22.82
N LEU A 379 -37.60 22.78 -23.83
CA LEU A 379 -37.60 22.30 -25.21
C LEU A 379 -36.45 21.34 -25.45
N HIS A 380 -35.24 21.72 -25.02
CA HIS A 380 -34.07 20.90 -25.35
C HIS A 380 -34.05 19.61 -24.55
N TYR A 381 -34.54 19.61 -23.31
CA TYR A 381 -34.39 18.44 -22.46
C TYR A 381 -35.63 17.56 -22.43
N THR A 382 -36.69 17.93 -23.11
CA THR A 382 -37.85 17.04 -23.23
C THR A 382 -37.66 16.10 -24.42
N ASP A 383 -37.96 14.83 -24.21
CA ASP A 383 -38.11 13.89 -25.33
C ASP A 383 -39.57 13.91 -25.74
N TRP A 384 -39.88 14.53 -26.88
CA TRP A 384 -41.26 14.77 -27.22
C TRP A 384 -41.99 13.54 -27.74
N LEU A 385 -41.30 12.41 -27.90
CA LEU A 385 -41.96 11.12 -28.05
C LEU A 385 -42.33 10.47 -26.72
N HIS A 386 -41.72 10.92 -25.61
CA HIS A 386 -42.02 10.39 -24.27
C HIS A 386 -41.97 11.55 -23.29
N PRO A 387 -42.84 12.56 -23.46
CA PRO A 387 -42.69 13.79 -22.64
C PRO A 387 -42.98 13.59 -21.17
N GLU A 388 -43.61 12.47 -20.77
CA GLU A 388 -44.04 12.33 -19.38
C GLU A 388 -43.52 11.09 -18.69
N ASP A 389 -42.54 10.39 -19.28
CA ASP A 389 -42.01 9.17 -18.68
C ASP A 389 -41.18 9.50 -17.44
N PRO A 390 -41.54 9.01 -16.26
CA PRO A 390 -40.83 9.46 -15.03
C PRO A 390 -39.33 9.19 -15.03
N ALA A 391 -38.89 7.99 -15.44
CA ALA A 391 -37.46 7.70 -15.44
C ALA A 391 -36.69 8.66 -16.35
N ARG A 392 -37.24 8.96 -17.53
CA ARG A 392 -36.57 9.89 -18.46
C ARG A 392 -36.54 11.30 -17.91
N LEU A 393 -37.61 11.73 -17.23
CA LEU A 393 -37.64 13.06 -16.64
C LEU A 393 -36.59 13.21 -15.52
N ARG A 394 -36.47 12.18 -14.68
CA ARG A 394 -35.44 12.18 -13.63
C ARG A 394 -34.05 12.31 -14.23
N GLU A 395 -33.77 11.56 -15.30
CA GLU A 395 -32.48 11.65 -15.98
C GLU A 395 -32.28 13.02 -16.62
N ALA A 396 -33.34 13.59 -17.19
CA ALA A 396 -33.21 14.86 -17.89
C ALA A 396 -32.97 16.01 -16.90
N LEU A 397 -33.63 15.98 -15.75
CA LEU A 397 -33.34 17.03 -14.76
C LEU A 397 -31.93 16.93 -14.22
N SER A 398 -31.43 15.70 -14.00
CA SER A 398 -30.03 15.52 -13.66
C SER A 398 -29.11 16.11 -14.72
N ASP A 399 -29.42 15.88 -16.00
CA ASP A 399 -28.62 16.43 -17.10
C ASP A 399 -28.69 17.94 -17.13
N VAL A 400 -29.89 18.51 -16.93
CA VAL A 400 -30.03 19.97 -16.87
C VAL A 400 -29.08 20.55 -15.84
N VAL A 401 -29.14 20.05 -14.60
CA VAL A 401 -28.35 20.63 -13.52
C VAL A 401 -26.87 20.39 -13.74
N GLY A 402 -26.49 19.18 -14.18
CA GLY A 402 -25.08 18.89 -14.38
C GLY A 402 -24.49 19.59 -15.60
N ASP A 403 -25.25 19.64 -16.71
CA ASP A 403 -24.75 20.33 -17.91
C ASP A 403 -24.54 21.80 -17.64
N HIS A 404 -25.55 22.44 -17.07
CA HIS A 404 -25.56 23.89 -16.84
C HIS A 404 -24.47 24.31 -15.86
N ASN A 405 -24.24 23.53 -14.81
CA ASN A 405 -23.30 23.95 -13.76
C ASN A 405 -21.89 23.40 -13.94
N VAL A 406 -21.70 22.24 -14.59
CA VAL A 406 -20.38 21.62 -14.66
C VAL A 406 -19.93 21.29 -16.08
N VAL A 407 -20.65 20.41 -16.77
CA VAL A 407 -20.15 19.90 -18.06
C VAL A 407 -19.95 21.04 -19.06
N CYS A 408 -20.96 21.90 -19.20
CA CYS A 408 -20.82 22.87 -20.28
C CYS A 408 -19.81 23.97 -19.94
N PRO A 409 -19.72 24.45 -18.68
CA PRO A 409 -18.58 25.33 -18.34
C PRO A 409 -17.22 24.68 -18.53
N VAL A 410 -17.05 23.41 -18.15
CA VAL A 410 -15.78 22.71 -18.39
C VAL A 410 -15.51 22.62 -19.89
N ALA A 411 -16.54 22.25 -20.68
CA ALA A 411 -16.35 22.08 -22.13
C ALA A 411 -15.99 23.41 -22.80
N GLN A 412 -16.65 24.49 -22.39
CA GLN A 412 -16.30 25.79 -22.95
C GLN A 412 -14.85 26.15 -22.63
N LEU A 413 -14.46 26.01 -21.36
CA LEU A 413 -13.08 26.29 -20.98
C LEU A 413 -12.11 25.40 -21.76
N ALA A 414 -12.40 24.10 -21.83
CA ALA A 414 -11.52 23.19 -22.56
C ALA A 414 -11.38 23.62 -24.02
N GLY A 415 -12.50 23.98 -24.66
CA GLY A 415 -12.46 24.33 -26.08
C GLY A 415 -11.73 25.64 -26.34
N ARG A 416 -12.02 26.67 -25.52
CA ARG A 416 -11.35 27.96 -25.73
C ARG A 416 -9.87 27.87 -25.42
N LEU A 417 -9.49 27.13 -24.36
CA LEU A 417 -8.07 27.04 -24.03
C LEU A 417 -7.31 26.31 -25.13
N ALA A 418 -7.86 25.20 -25.63
CA ALA A 418 -7.21 24.48 -26.73
C ALA A 418 -7.08 25.36 -27.97
N ALA A 419 -8.14 26.09 -28.32
CA ALA A 419 -8.10 26.90 -29.53
C ALA A 419 -7.09 28.03 -29.42
N GLN A 420 -6.77 28.48 -28.20
CA GLN A 420 -5.91 29.64 -28.01
C GLN A 420 -4.56 29.29 -27.44
N GLY A 421 -4.10 28.05 -27.64
CA GLY A 421 -2.69 27.71 -27.47
C GLY A 421 -2.39 26.65 -26.44
N ALA A 422 -3.34 26.20 -25.64
CA ALA A 422 -3.02 25.27 -24.56
C ALA A 422 -3.12 23.83 -25.02
N ARG A 423 -2.30 22.97 -24.44
CA ARG A 423 -2.48 21.54 -24.60
CA ARG A 423 -2.47 21.53 -24.60
C ARG A 423 -3.46 21.06 -23.53
N VAL A 424 -4.59 20.50 -23.95
CA VAL A 424 -5.66 20.12 -23.06
C VAL A 424 -5.88 18.61 -23.15
N TYR A 425 -6.12 17.99 -22.00
CA TYR A 425 -6.54 16.59 -21.94
C TYR A 425 -7.84 16.52 -21.16
N ALA A 426 -8.83 15.78 -21.68
CA ALA A 426 -10.15 15.73 -21.07
C ALA A 426 -10.54 14.30 -20.77
N TYR A 427 -11.33 14.12 -19.72
CA TYR A 427 -11.76 12.79 -19.32
C TYR A 427 -13.22 12.87 -18.90
N VAL A 428 -13.87 11.70 -18.88
CA VAL A 428 -15.13 11.50 -18.17
C VAL A 428 -14.90 10.29 -17.27
N PHE A 429 -15.23 10.44 -15.99
CA PHE A 429 -14.97 9.42 -14.99
C PHE A 429 -16.24 8.61 -14.83
N GLU A 430 -16.16 7.30 -15.05
CA GLU A 430 -17.37 6.53 -15.26
C GLU A 430 -17.50 5.33 -14.34
N HIS A 431 -16.65 5.24 -13.31
CA HIS A 431 -16.70 4.11 -12.39
C HIS A 431 -17.51 4.47 -11.15
N ARG A 432 -18.48 3.62 -10.84
CA ARG A 432 -19.25 3.76 -9.61
C ARG A 432 -18.61 2.88 -8.55
N ALA A 433 -18.05 3.52 -7.52
CA ALA A 433 -17.31 2.81 -6.49
C ALA A 433 -18.15 1.74 -5.81
N SER A 434 -17.54 0.57 -5.58
CA SER A 434 -18.22 -0.52 -4.90
C SER A 434 -18.76 -0.10 -3.53
N THR A 435 -18.13 0.90 -2.91
CA THR A 435 -18.47 1.33 -1.55
C THR A 435 -19.44 2.50 -1.52
N LEU A 436 -19.95 2.92 -2.67
CA LEU A 436 -20.77 4.12 -2.74
C LEU A 436 -22.07 3.93 -1.98
N SER A 437 -22.45 4.93 -1.18
CA SER A 437 -23.62 4.81 -0.32
C SER A 437 -24.86 5.50 -0.88
N TRP A 438 -24.71 6.34 -1.91
CA TRP A 438 -25.86 6.95 -2.55
C TRP A 438 -26.61 5.90 -3.38
N PRO A 439 -27.90 6.13 -3.65
CA PRO A 439 -28.67 5.13 -4.40
C PRO A 439 -28.17 4.96 -5.82
N LEU A 440 -28.59 3.84 -6.42
CA LEU A 440 -28.13 3.47 -7.76
C LEU A 440 -28.54 4.48 -8.81
N TRP A 441 -29.71 5.12 -8.66
CA TRP A 441 -30.15 6.02 -9.70
C TRP A 441 -29.26 7.26 -9.83
N MET A 442 -28.50 7.63 -8.79
CA MET A 442 -27.61 8.78 -8.90
C MET A 442 -26.40 8.49 -9.78
N GLY A 443 -26.11 7.22 -10.06
CA GLY A 443 -25.05 6.89 -11.01
C GLY A 443 -23.68 7.10 -10.41
N VAL A 444 -22.82 7.79 -11.14
CA VAL A 444 -21.51 8.20 -10.64
C VAL A 444 -21.60 9.66 -10.23
N PRO A 445 -21.85 9.96 -8.95
CA PRO A 445 -22.15 11.35 -8.57
C PRO A 445 -20.92 12.24 -8.52
N HIS A 446 -21.22 13.52 -8.59
CA HIS A 446 -20.25 14.58 -8.40
C HIS A 446 -19.38 14.31 -7.17
N GLY A 447 -18.06 14.37 -7.35
CA GLY A 447 -17.13 14.24 -6.25
C GLY A 447 -16.59 12.84 -5.99
N TYR A 448 -17.06 11.81 -6.69
CA TYR A 448 -16.68 10.46 -6.31
C TYR A 448 -15.56 9.89 -7.17
N GLU A 449 -14.90 10.72 -7.97
CA GLU A 449 -13.60 10.35 -8.52
C GLU A 449 -12.46 10.70 -7.58
N ILE A 450 -12.66 11.61 -6.62
CA ILE A 450 -11.54 12.14 -5.82
C ILE A 450 -10.80 11.02 -5.11
N GLU A 451 -11.56 10.13 -4.45
CA GLU A 451 -10.95 9.06 -3.67
C GLU A 451 -10.05 8.16 -4.51
N PHE A 452 -10.34 8.00 -5.81
CA PHE A 452 -9.48 7.20 -6.67
C PHE A 452 -8.23 7.97 -7.06
N ILE A 453 -8.36 9.28 -7.31
CA ILE A 453 -7.19 10.10 -7.65
C ILE A 453 -6.21 10.14 -6.48
N PHE A 454 -6.72 10.14 -5.24
CA PHE A 454 -5.85 10.18 -4.07
C PHE A 454 -5.38 8.81 -3.61
N GLY A 455 -5.82 7.74 -4.29
CA GLY A 455 -5.34 6.40 -3.93
C GLY A 455 -5.96 5.80 -2.69
N ILE A 456 -7.08 6.34 -2.22
CA ILE A 456 -7.77 5.87 -1.01
C ILE A 456 -8.07 4.37 -1.06
N PRO A 457 -8.40 3.75 -2.21
CA PRO A 457 -8.59 2.28 -2.21
C PRO A 457 -7.40 1.49 -1.72
N LEU A 458 -6.18 2.05 -1.74
CA LEU A 458 -5.03 1.35 -1.19
C LEU A 458 -5.02 1.33 0.34
N ASP A 459 -5.92 2.06 0.98
CA ASP A 459 -5.99 2.07 2.44
C ASP A 459 -6.46 0.70 2.92
N PRO A 460 -5.66 -0.01 3.72
CA PRO A 460 -6.03 -1.39 4.07
C PRO A 460 -7.31 -1.48 4.90
N SER A 461 -7.58 -0.49 5.75
CA SER A 461 -8.79 -0.52 6.57
C SER A 461 -10.06 -0.34 5.76
N ARG A 462 -9.97 -0.01 4.48
CA ARG A 462 -11.14 0.13 3.63
C ARG A 462 -11.33 -1.13 2.79
N ASN A 463 -12.49 -1.23 2.15
CA ASN A 463 -12.96 -2.47 1.56
C ASN A 463 -13.18 -2.34 0.06
N TYR A 464 -12.27 -1.65 -0.63
CA TYR A 464 -12.36 -1.60 -2.08
C TYR A 464 -11.95 -2.93 -2.69
N THR A 465 -12.51 -3.24 -3.84
CA THR A 465 -12.14 -4.46 -4.52
C THR A 465 -10.72 -4.33 -5.10
N ALA A 466 -10.15 -5.46 -5.53
CA ALA A 466 -8.75 -5.45 -5.98
C ALA A 466 -8.57 -4.67 -7.29
N GLU A 467 -9.53 -4.74 -8.22
CA GLU A 467 -9.35 -4.05 -9.50
C GLU A 467 -9.52 -2.54 -9.35
N GLU A 468 -10.32 -2.09 -8.39
CA GLU A 468 -10.36 -0.67 -7.99
C GLU A 468 -9.01 -0.20 -7.46
N LYS A 469 -8.28 -1.07 -6.75
CA LYS A 469 -6.93 -0.68 -6.34
C LYS A 469 -6.04 -0.50 -7.56
N ILE A 470 -6.20 -1.37 -8.56
CA ILE A 470 -5.46 -1.25 -9.82
C ILE A 470 -5.88 0.02 -10.54
N PHE A 471 -7.18 0.26 -10.61
CA PHE A 471 -7.72 1.50 -11.19
C PHE A 471 -7.14 2.73 -10.51
N ALA A 472 -7.21 2.80 -9.19
CA ALA A 472 -6.66 3.93 -8.46
C ALA A 472 -5.18 4.13 -8.79
N GLN A 473 -4.41 3.04 -8.81
CA GLN A 473 -3.01 3.15 -9.17
C GLN A 473 -2.83 3.70 -10.58
N ARG A 474 -3.71 3.31 -11.52
CA ARG A 474 -3.64 3.82 -12.89
C ARG A 474 -3.96 5.32 -12.92
N LEU A 475 -5.01 5.75 -12.21
CA LEU A 475 -5.32 7.18 -12.18
C LEU A 475 -4.22 8.00 -11.52
N MET A 476 -3.72 7.54 -10.37
CA MET A 476 -2.64 8.29 -9.73
C MET A 476 -1.48 8.44 -10.69
N ARG A 477 -1.25 7.40 -11.50
CA ARG A 477 -0.21 7.42 -12.51
C ARG A 477 -0.58 8.34 -13.67
N TYR A 478 -1.87 8.44 -14.04
CA TYR A 478 -2.22 9.47 -15.02
C TYR A 478 -2.00 10.86 -14.45
N TRP A 479 -2.28 11.08 -13.16
CA TRP A 479 -2.18 12.45 -12.64
C TRP A 479 -0.72 12.87 -12.44
N ALA A 480 0.17 11.96 -12.03
CA ALA A 480 1.55 12.41 -11.78
C ALA A 480 2.36 12.62 -13.06
N ASN A 481 2.08 11.84 -14.12
CA ASN A 481 2.74 12.02 -15.40
C ASN A 481 2.48 13.41 -15.93
N PHE A 482 1.23 13.86 -15.81
CA PHE A 482 0.86 15.21 -16.22
C PHE A 482 1.57 16.24 -15.36
N ALA A 483 1.55 16.03 -14.04
CA ALA A 483 2.35 16.87 -13.14
C ALA A 483 3.81 16.93 -13.58
N ARG A 484 4.42 15.76 -13.84
CA ARG A 484 5.83 15.75 -14.23
C ARG A 484 6.05 16.29 -15.63
N THR A 485 5.22 15.87 -16.60
CA THR A 485 5.51 16.12 -18.01
C THR A 485 4.48 16.97 -18.75
N GLY A 486 3.36 17.33 -18.13
CA GLY A 486 2.31 18.00 -18.88
C GLY A 486 1.57 17.09 -19.84
N ASP A 487 1.66 15.77 -19.64
CA ASP A 487 1.15 14.75 -20.53
C ASP A 487 0.82 13.53 -19.71
N PRO A 488 -0.45 13.15 -19.59
CA PRO A 488 -0.80 12.00 -18.76
C PRO A 488 -0.33 10.68 -19.32
N ASN A 489 0.04 10.63 -20.59
CA ASN A 489 0.49 9.37 -21.20
C ASN A 489 1.85 8.96 -20.67
N GLU A 490 2.03 7.65 -20.54
CA GLU A 490 3.24 7.11 -19.92
C GLU A 490 4.44 7.28 -20.83
N PRO A 491 5.53 7.97 -20.36
CA PRO A 491 6.59 8.48 -21.26
C PRO A 491 6.93 7.60 -22.45
N ARG A 492 7.11 6.31 -22.32
CA ARG A 492 7.55 5.62 -23.53
C ARG A 492 6.83 4.36 -23.94
N ASP A 493 5.59 4.50 -24.38
CA ASP A 493 4.86 3.32 -24.80
C ASP A 493 3.76 3.46 -25.84
N PRO A 494 3.68 2.39 -26.61
CA PRO A 494 2.61 2.06 -27.55
C PRO A 494 1.95 0.70 -27.27
N LYS A 495 1.68 0.51 -26.00
CA LYS A 495 1.03 -0.65 -25.46
C LYS A 495 -0.38 -0.25 -25.03
N ALA A 496 -0.49 0.85 -24.29
CA ALA A 496 -1.72 1.42 -23.76
C ALA A 496 -2.37 2.28 -24.83
N PRO A 497 -3.71 2.33 -24.89
CA PRO A 497 -4.40 2.87 -26.08
C PRO A 497 -4.20 4.36 -26.33
N GLN A 498 -3.53 5.04 -25.42
CA GLN A 498 -3.12 6.43 -25.58
C GLN A 498 -4.23 7.47 -25.40
N TRP A 499 -3.90 8.55 -24.73
CA TRP A 499 -4.86 9.60 -24.42
C TRP A 499 -4.58 10.81 -25.30
N PRO A 500 -5.44 11.13 -26.27
CA PRO A 500 -5.13 12.22 -27.20
C PRO A 500 -5.55 13.56 -26.64
N PRO A 501 -4.90 14.64 -27.05
CA PRO A 501 -5.32 15.97 -26.61
C PRO A 501 -6.75 16.30 -27.02
N TYR A 502 -7.38 17.18 -26.24
CA TYR A 502 -8.69 17.70 -26.58
C TYR A 502 -8.52 18.94 -27.43
N THR A 503 -9.25 19.01 -28.54
CA THR A 503 -9.23 20.17 -29.43
C THR A 503 -10.67 20.59 -29.69
N ALA A 504 -10.83 21.86 -30.05
CA ALA A 504 -12.18 22.39 -30.27
C ALA A 504 -12.88 21.71 -31.44
N GLY A 505 -12.13 21.18 -32.40
CA GLY A 505 -12.73 20.47 -33.52
C GLY A 505 -13.08 19.02 -33.24
N ALA A 506 -12.07 18.17 -33.02
CA ALA A 506 -12.35 16.75 -32.79
C ALA A 506 -12.95 16.48 -31.41
N GLN A 507 -12.66 17.32 -30.41
CA GLN A 507 -13.31 17.23 -29.09
C GLN A 507 -13.14 15.85 -28.45
N GLN A 508 -11.94 15.28 -28.55
CA GLN A 508 -11.72 13.93 -28.05
C GLN A 508 -11.43 13.92 -26.54
N TYR A 509 -11.98 12.92 -25.84
CA TYR A 509 -11.70 12.72 -24.43
C TYR A 509 -11.69 11.22 -24.16
N VAL A 510 -11.20 10.81 -22.99
CA VAL A 510 -11.17 9.39 -22.66
C VAL A 510 -12.10 9.10 -21.51
N SER A 511 -12.61 7.87 -21.48
CA SER A 511 -13.42 7.37 -20.39
C SER A 511 -12.51 6.68 -19.38
N LEU A 512 -12.64 7.05 -18.11
CA LEU A 512 -11.87 6.46 -17.03
C LEU A 512 -12.79 5.53 -16.27
N ASP A 513 -12.52 4.22 -16.36
CA ASP A 513 -13.20 3.21 -15.55
C ASP A 513 -12.32 1.97 -15.52
N LEU A 514 -12.91 0.83 -15.15
CA LEU A 514 -12.12 -0.39 -14.98
C LEU A 514 -11.56 -0.92 -16.30
N ARG A 515 -12.19 -0.65 -17.43
CA ARG A 515 -11.68 -1.07 -18.74
C ARG A 515 -10.60 -0.13 -19.18
N PRO A 516 -9.83 -0.50 -20.19
CA PRO A 516 -8.80 0.42 -20.69
C PRO A 516 -9.41 1.69 -21.28
N LEU A 517 -8.55 2.69 -21.48
CA LEU A 517 -8.97 3.95 -22.06
C LEU A 517 -9.74 3.72 -23.37
N GLU A 518 -10.84 4.44 -23.52
CA GLU A 518 -11.63 4.45 -24.74
C GLU A 518 -11.78 5.91 -25.16
N VAL A 519 -11.39 6.22 -26.41
CA VAL A 519 -11.48 7.60 -26.89
C VAL A 519 -12.89 7.87 -27.39
N ARG A 520 -13.43 9.04 -27.06
CA ARG A 520 -14.76 9.42 -27.51
C ARG A 520 -14.72 10.88 -27.94
N ARG A 521 -15.83 11.34 -28.51
CA ARG A 521 -15.94 12.69 -29.06
C ARG A 521 -17.11 13.42 -28.42
N GLY A 522 -16.88 14.69 -28.06
CA GLY A 522 -17.94 15.58 -27.66
C GLY A 522 -18.30 15.51 -26.18
N LEU A 523 -18.02 16.60 -25.46
CA LEU A 523 -18.46 16.73 -24.06
C LEU A 523 -19.90 17.28 -24.07
N ARG A 524 -20.85 16.36 -24.26
CA ARG A 524 -22.27 16.67 -24.44
CA ARG A 524 -22.26 16.71 -24.39
C ARG A 524 -22.44 17.90 -25.35
N ALA A 525 -21.90 17.73 -26.56
CA ALA A 525 -21.79 18.82 -27.52
C ALA A 525 -23.13 19.43 -27.89
N GLN A 526 -24.16 18.62 -28.16
CA GLN A 526 -25.46 19.19 -28.53
C GLN A 526 -26.02 20.02 -27.38
N ALA A 527 -25.97 19.48 -26.17
CA ALA A 527 -26.43 20.22 -24.99
C ALA A 527 -25.61 21.48 -24.77
N CYS A 528 -24.28 21.35 -24.80
CA CYS A 528 -23.44 22.49 -24.45
C CYS A 528 -23.49 23.59 -25.49
N ALA A 529 -23.90 23.29 -26.74
CA ALA A 529 -24.14 24.34 -27.70
C ALA A 529 -25.33 25.19 -27.26
N PHE A 530 -26.33 24.58 -26.64
CA PHE A 530 -27.41 25.36 -26.08
C PHE A 530 -26.91 26.27 -24.96
N TRP A 531 -26.19 25.71 -23.98
CA TRP A 531 -25.77 26.51 -22.83
C TRP A 531 -24.71 27.53 -23.21
N ASN A 532 -23.76 27.14 -24.06
CA ASN A 532 -22.59 27.99 -24.31
C ASN A 532 -22.76 28.98 -25.45
N ARG A 533 -23.53 28.64 -26.49
CA ARG A 533 -23.67 29.48 -27.68
C ARG A 533 -25.02 30.17 -27.79
N PHE A 534 -26.12 29.48 -27.55
CA PHE A 534 -27.43 30.10 -27.77
C PHE A 534 -27.97 30.83 -26.55
N LEU A 535 -28.12 30.12 -25.43
CA LEU A 535 -28.72 30.73 -24.25
C LEU A 535 -28.17 32.11 -23.90
N PRO A 536 -26.85 32.38 -24.02
CA PRO A 536 -26.40 33.76 -23.74
C PRO A 536 -26.97 34.79 -24.70
N LYS A 537 -27.16 34.42 -25.99
CA LYS A 537 -27.79 35.34 -26.93
C LYS A 537 -29.22 35.63 -26.53
N LEU A 538 -29.90 34.63 -25.97
CA LEU A 538 -31.28 34.83 -25.56
C LEU A 538 -31.36 35.75 -24.34
N LEU A 539 -30.40 35.66 -23.43
CA LEU A 539 -30.47 36.49 -22.22
C LEU A 539 -30.13 37.96 -22.52
N SER A 540 -29.25 38.22 -23.48
CA SER A 540 -29.04 39.59 -23.96
C SER A 540 -30.31 40.16 -24.60
N ALA A 541 -30.90 39.43 -25.54
CA ALA A 541 -32.04 39.92 -26.30
C ALA A 541 -33.35 39.87 -25.51
N GLU B 3 25.54 -4.07 39.08
CA GLU B 3 24.50 -4.84 38.40
C GLU B 3 24.05 -4.13 37.12
N ASP B 4 23.92 -4.88 36.03
CA ASP B 4 23.66 -4.30 34.71
C ASP B 4 22.17 -4.32 34.42
N ALA B 5 21.54 -3.13 34.51
CA ALA B 5 20.11 -3.00 34.27
C ALA B 5 19.74 -3.26 32.83
N GLU B 6 20.69 -3.14 31.90
CA GLU B 6 20.40 -3.37 30.49
C GLU B 6 20.00 -4.82 30.24
N LEU B 7 20.51 -5.75 31.05
CA LEU B 7 20.29 -7.16 30.88
C LEU B 7 19.15 -7.68 31.76
N LEU B 8 18.34 -6.78 32.30
CA LEU B 8 17.20 -7.16 33.13
C LEU B 8 15.96 -6.67 32.41
N VAL B 9 15.03 -7.59 32.15
CA VAL B 9 13.80 -7.27 31.45
C VAL B 9 12.67 -7.99 32.15
N THR B 10 11.52 -7.34 32.19
CA THR B 10 10.29 -7.94 32.68
C THR B 10 9.36 -8.13 31.49
N VAL B 11 8.97 -9.38 31.23
CA VAL B 11 7.98 -9.66 30.20
C VAL B 11 6.70 -10.05 30.92
N ARG B 12 5.66 -10.41 30.17
CA ARG B 12 4.37 -10.65 30.81
C ARG B 12 4.41 -11.84 31.75
N GLY B 13 5.23 -12.84 31.47
CA GLY B 13 5.28 -13.99 32.35
C GLY B 13 6.19 -13.84 33.55
N GLY B 14 6.97 -12.77 33.63
CA GLY B 14 7.95 -12.63 34.67
C GLY B 14 9.20 -11.94 34.15
N ARG B 15 10.26 -12.09 34.93
CA ARG B 15 11.51 -11.35 34.82
C ARG B 15 12.60 -12.20 34.19
N LEU B 16 13.46 -11.55 33.40
CA LEU B 16 14.53 -12.22 32.66
C LEU B 16 15.88 -11.59 32.93
N ARG B 17 16.93 -12.41 32.89
CA ARG B 17 18.31 -11.96 32.95
CA ARG B 17 18.32 -11.96 32.96
C ARG B 17 19.03 -12.37 31.68
N GLY B 18 19.50 -11.38 30.92
CA GLY B 18 20.20 -11.62 29.68
C GLY B 18 21.71 -11.61 29.82
N ILE B 19 22.41 -11.41 28.70
CA ILE B 19 23.86 -11.46 28.67
C ILE B 19 24.35 -10.48 27.64
N ARG B 20 25.49 -9.84 27.92
CA ARG B 20 26.15 -8.94 27.00
C ARG B 20 27.08 -9.75 26.11
N LEU B 21 27.00 -9.55 24.80
CA LEU B 21 27.83 -10.25 23.83
C LEU B 21 28.73 -9.24 23.13
N LYS B 22 29.93 -9.69 22.74
CA LYS B 22 30.84 -8.88 21.94
C LYS B 22 30.64 -9.14 20.44
N THR B 23 30.78 -8.10 19.63
CA THR B 23 30.97 -8.20 18.19
C THR B 23 32.11 -7.26 17.83
N PRO B 24 32.70 -7.44 16.64
CA PRO B 24 33.75 -6.50 16.19
C PRO B 24 33.29 -5.05 16.11
N GLY B 25 31.98 -4.79 16.07
CA GLY B 25 31.46 -3.43 16.04
C GLY B 25 30.92 -2.91 17.36
N GLY B 26 31.08 -3.66 18.45
CA GLY B 26 30.52 -3.26 19.72
C GLY B 26 29.58 -4.29 20.31
N PRO B 27 29.12 -4.04 21.54
CA PRO B 27 28.30 -5.04 22.24
C PRO B 27 26.86 -5.08 21.73
N VAL B 28 26.19 -6.18 22.09
CA VAL B 28 24.75 -6.31 21.92
C VAL B 28 24.22 -7.02 23.15
N SER B 29 22.92 -6.83 23.40
CA SER B 29 22.24 -7.53 24.49
C SER B 29 21.53 -8.74 23.90
N ALA B 30 21.68 -9.89 24.55
CA ALA B 30 21.04 -11.11 24.09
C ALA B 30 20.24 -11.73 25.23
N PHE B 31 19.05 -12.20 24.90
CA PHE B 31 18.21 -12.92 25.85
C PHE B 31 17.87 -14.25 25.20
N LEU B 32 18.50 -15.30 25.68
CA LEU B 32 18.54 -16.60 25.03
C LEU B 32 17.81 -17.60 25.90
N GLY B 33 16.97 -18.43 25.30
CA GLY B 33 16.27 -19.46 26.05
C GLY B 33 15.08 -18.96 26.84
N ILE B 34 14.32 -18.00 26.31
CA ILE B 34 13.10 -17.52 26.96
C ILE B 34 11.96 -18.48 26.70
N PRO B 35 11.36 -19.09 27.73
CA PRO B 35 10.24 -20.00 27.51
C PRO B 35 9.00 -19.25 27.00
N PHE B 36 8.43 -19.71 25.88
CA PHE B 36 7.21 -19.10 25.38
C PHE B 36 6.02 -20.04 25.40
N ALA B 37 6.20 -21.32 25.70
CA ALA B 37 5.11 -22.28 25.80
C ALA B 37 5.35 -23.18 26.99
N GLU B 38 4.29 -23.77 27.50
CA GLU B 38 4.46 -24.90 28.42
C GLU B 38 5.15 -26.04 27.68
N PRO B 39 6.07 -26.75 28.33
CA PRO B 39 6.76 -27.87 27.67
C PRO B 39 5.77 -28.89 27.11
N PRO B 40 5.84 -29.19 25.82
CA PRO B 40 4.86 -30.14 25.24
C PRO B 40 5.26 -31.58 25.46
N MET B 41 5.23 -32.01 26.73
CA MET B 41 5.71 -33.32 27.18
C MET B 41 4.55 -34.23 27.53
N GLY B 42 4.84 -35.53 27.52
CA GLY B 42 3.91 -36.54 27.98
C GLY B 42 2.57 -36.48 27.28
N PRO B 43 1.51 -36.19 28.04
CA PRO B 43 0.18 -36.07 27.43
C PRO B 43 0.08 -34.93 26.43
N ARG B 44 1.01 -33.97 26.46
CA ARG B 44 0.97 -32.83 25.54
C ARG B 44 1.73 -33.08 24.23
N ARG B 45 2.38 -34.23 24.08
CA ARG B 45 2.98 -34.55 22.80
C ARG B 45 1.89 -34.60 21.72
N PHE B 46 2.19 -33.98 20.58
CA PHE B 46 1.35 -33.85 19.39
C PHE B 46 0.25 -32.80 19.54
N LEU B 47 0.14 -32.12 20.69
CA LEU B 47 -0.96 -31.19 20.86
C LEU B 47 -0.52 -29.76 20.60
N PRO B 48 -1.47 -28.86 20.33
CA PRO B 48 -1.11 -27.46 20.15
C PRO B 48 -0.39 -26.92 21.37
N PRO B 49 0.53 -25.97 21.18
CA PRO B 49 1.23 -25.41 22.33
C PRO B 49 0.28 -24.61 23.21
N GLU B 50 0.61 -24.56 24.51
CA GLU B 50 -0.05 -23.75 25.52
C GLU B 50 0.86 -22.61 25.94
N PRO B 51 0.33 -21.41 26.15
CA PRO B 51 1.18 -20.30 26.60
C PRO B 51 1.91 -20.66 27.88
N LYS B 52 3.12 -20.16 28.00
CA LYS B 52 3.89 -20.39 29.22
C LYS B 52 3.18 -19.73 30.39
N GLN B 53 3.03 -20.46 31.48
CA GLN B 53 2.45 -19.89 32.69
CA GLN B 53 2.43 -19.86 32.66
C GLN B 53 3.45 -18.96 33.37
N PRO B 54 2.98 -17.90 34.02
CA PRO B 54 3.91 -16.99 34.72
C PRO B 54 4.78 -17.69 35.74
N TRP B 55 5.97 -17.13 35.92
CA TRP B 55 6.95 -17.65 36.85
C TRP B 55 7.33 -16.55 37.84
N SER B 56 7.77 -16.97 39.01
CA SER B 56 8.37 -16.05 39.97
C SER B 56 9.88 -16.21 39.91
N GLY B 57 10.57 -15.20 40.38
CA GLY B 57 12.02 -15.19 40.26
C GLY B 57 12.46 -14.72 38.88
N VAL B 58 13.74 -14.91 38.61
CA VAL B 58 14.37 -14.40 37.41
C VAL B 58 14.79 -15.58 36.56
N VAL B 59 14.22 -15.69 35.36
CA VAL B 59 14.64 -16.71 34.41
C VAL B 59 16.03 -16.36 33.89
N ASP B 60 16.94 -17.34 33.98
CA ASP B 60 18.29 -17.27 33.42
C ASP B 60 18.20 -17.34 31.90
N ALA B 61 18.37 -16.20 31.23
CA ALA B 61 18.31 -16.21 29.77
C ALA B 61 19.66 -15.86 29.15
N THR B 62 20.70 -16.59 29.53
CA THR B 62 22.07 -16.30 29.11
C THR B 62 22.64 -17.37 28.21
N THR B 63 21.91 -18.47 28.00
CA THR B 63 22.40 -19.55 27.17
C THR B 63 21.25 -20.14 26.34
N PHE B 64 21.58 -20.69 25.17
CA PHE B 64 20.58 -21.34 24.35
C PHE B 64 19.99 -22.53 25.08
N GLN B 65 18.72 -22.79 24.81
CA GLN B 65 18.04 -23.93 25.38
C GLN B 65 18.14 -25.14 24.45
N SER B 66 17.52 -26.23 24.86
CA SER B 66 17.62 -27.51 24.17
C SER B 66 17.04 -27.44 22.74
N VAL B 67 17.55 -28.32 21.91
CA VAL B 67 17.10 -28.49 20.54
C VAL B 67 15.92 -29.45 20.53
N CYS B 68 14.89 -29.14 19.77
CA CYS B 68 13.77 -30.06 19.62
C CYS B 68 14.25 -31.38 19.03
N TYR B 69 13.71 -32.48 19.54
CA TYR B 69 14.08 -33.82 19.10
C TYR B 69 14.00 -33.97 17.58
N GLN B 70 15.09 -34.48 16.99
CA GLN B 70 15.19 -34.57 15.54
C GLN B 70 16.27 -35.57 15.14
N TYR B 71 16.12 -36.08 13.92
CA TYR B 71 17.15 -36.89 13.27
C TYR B 71 18.45 -36.12 13.16
N VAL B 72 19.58 -36.82 13.33
CA VAL B 72 20.91 -36.23 13.21
C VAL B 72 21.61 -36.84 11.99
N ASP B 73 21.99 -35.98 11.05
CA ASP B 73 22.66 -36.42 9.83
C ASP B 73 23.98 -37.11 10.12
N THR B 74 24.13 -38.34 9.62
CA THR B 74 25.36 -39.11 9.80
C THR B 74 26.00 -39.52 8.46
N LEU B 75 25.62 -38.86 7.36
CA LEU B 75 26.13 -39.28 6.05
C LEU B 75 27.65 -39.11 5.97
N TYR B 76 28.16 -37.99 6.48
CA TYR B 76 29.60 -37.68 6.42
C TYR B 76 30.06 -37.27 7.81
N PRO B 77 30.28 -38.23 8.71
CA PRO B 77 30.61 -37.89 10.11
C PRO B 77 31.80 -36.97 10.24
N GLY B 78 31.65 -35.92 11.03
CA GLY B 78 32.70 -34.93 11.25
C GLY B 78 32.90 -33.93 10.12
N PHE B 79 32.20 -34.10 8.99
CA PHE B 79 32.30 -33.16 7.89
C PHE B 79 31.60 -31.85 8.26
N GLU B 80 32.27 -30.72 8.06
CA GLU B 80 31.70 -29.44 8.48
C GLU B 80 30.44 -29.09 7.70
N GLY B 81 30.36 -29.51 6.42
CA GLY B 81 29.24 -29.10 5.59
C GLY B 81 27.92 -29.71 6.01
N THR B 82 27.95 -30.86 6.69
CA THR B 82 26.74 -31.37 7.31
C THR B 82 26.65 -31.03 8.80
N GLU B 83 27.78 -30.98 9.53
CA GLU B 83 27.72 -30.79 10.98
C GLU B 83 27.22 -29.41 11.36
N MET B 84 27.52 -28.38 10.56
CA MET B 84 27.02 -27.03 10.84
C MET B 84 25.49 -26.96 10.92
N TRP B 85 24.78 -27.97 10.38
CA TRP B 85 23.32 -28.01 10.45
C TRP B 85 22.80 -28.92 11.55
N ASN B 86 23.66 -29.72 12.17
CA ASN B 86 23.22 -30.66 13.19
C ASN B 86 23.05 -29.97 14.55
N PRO B 87 22.29 -30.59 15.46
CA PRO B 87 22.07 -29.96 16.77
C PRO B 87 23.38 -29.68 17.50
N ASN B 88 23.48 -28.48 18.08
CA ASN B 88 24.61 -28.08 18.89
C ASN B 88 24.22 -27.89 20.34
N ARG B 89 23.08 -28.42 20.75
CA ARG B 89 22.66 -28.53 22.14
C ARG B 89 21.97 -29.87 22.32
N GLU B 90 21.73 -30.22 23.57
CA GLU B 90 21.06 -31.47 23.90
C GLU B 90 19.66 -31.49 23.30
N LEU B 91 19.21 -32.68 22.89
CA LEU B 91 17.86 -32.83 22.37
C LEU B 91 16.87 -33.01 23.52
N SER B 92 15.67 -32.46 23.35
CA SER B 92 14.63 -32.59 24.36
C SER B 92 13.29 -32.20 23.75
N GLU B 93 12.22 -32.81 24.24
CA GLU B 93 10.88 -32.34 23.89
C GLU B 93 10.56 -31.02 24.58
N ASP B 94 11.31 -30.68 25.63
CA ASP B 94 11.18 -29.40 26.34
C ASP B 94 12.07 -28.42 25.59
N CYS B 95 11.55 -27.92 24.47
CA CYS B 95 12.39 -27.15 23.55
C CYS B 95 11.78 -25.85 23.08
N LEU B 96 10.61 -25.46 23.58
CA LEU B 96 9.88 -24.32 23.03
C LEU B 96 10.38 -23.06 23.74
N TYR B 97 11.51 -22.56 23.26
CA TYR B 97 12.15 -21.35 23.76
C TYR B 97 12.44 -20.45 22.57
N LEU B 98 12.59 -19.15 22.83
CA LEU B 98 12.92 -18.22 21.76
C LEU B 98 14.02 -17.28 22.25
N ASN B 99 14.59 -16.52 21.33
CA ASN B 99 15.77 -15.71 21.63
C ASN B 99 15.56 -14.30 21.09
N VAL B 100 16.05 -13.30 21.82
CA VAL B 100 15.99 -11.90 21.42
C VAL B 100 17.40 -11.31 21.49
N TRP B 101 17.84 -10.69 20.40
CA TRP B 101 19.02 -9.85 20.40
C TRP B 101 18.55 -8.41 20.18
N THR B 102 19.10 -7.47 20.95
CA THR B 102 18.86 -6.05 20.77
C THR B 102 20.19 -5.32 20.83
N PRO B 103 20.24 -4.08 20.35
CA PRO B 103 21.44 -3.26 20.55
C PRO B 103 21.74 -3.05 22.03
N TYR B 104 22.99 -2.70 22.32
CA TYR B 104 23.42 -2.32 23.66
C TYR B 104 23.90 -0.86 23.66
N PRO B 105 23.34 -0.03 24.56
CA PRO B 105 22.29 -0.40 25.51
C PRO B 105 20.95 -0.59 24.80
N ARG B 106 19.97 -1.23 25.45
CA ARG B 106 18.72 -1.54 24.81
C ARG B 106 18.11 -0.28 24.18
N PRO B 107 17.49 -0.39 23.02
CA PRO B 107 16.82 0.78 22.44
C PRO B 107 15.76 1.32 23.39
N THR B 108 15.60 2.63 23.37
CA THR B 108 14.57 3.32 24.13
C THR B 108 13.61 4.01 23.17
N SER B 109 13.53 3.49 21.96
CA SER B 109 12.77 4.01 20.84
C SER B 109 12.36 2.79 20.03
N PRO B 110 11.12 2.70 19.55
CA PRO B 110 10.68 1.48 18.83
C PRO B 110 11.55 1.17 17.62
N THR B 111 12.21 -0.03 17.66
CA THR B 111 13.14 -0.55 16.67
C THR B 111 12.48 -1.64 15.83
N PRO B 112 12.64 -1.63 14.50
CA PRO B 112 12.05 -2.69 13.66
C PRO B 112 12.56 -4.07 14.04
N VAL B 113 11.69 -5.06 13.93
CA VAL B 113 11.95 -6.43 14.40
C VAL B 113 12.08 -7.37 13.21
N LEU B 114 13.14 -8.18 13.20
CA LEU B 114 13.28 -9.31 12.29
C LEU B 114 13.01 -10.60 13.06
N VAL B 115 12.18 -11.49 12.51
CA VAL B 115 11.89 -12.76 13.16
C VAL B 115 12.33 -13.89 12.25
N TRP B 116 13.29 -14.67 12.71
CA TRP B 116 13.92 -15.73 11.94
C TRP B 116 13.23 -17.06 12.22
N ILE B 117 12.83 -17.77 11.16
CA ILE B 117 12.26 -19.12 11.25
C ILE B 117 13.22 -20.06 10.51
N TYR B 118 13.88 -20.95 11.25
CA TYR B 118 14.90 -21.79 10.60
C TYR B 118 14.24 -22.83 9.69
N GLY B 119 15.02 -23.27 8.70
CA GLY B 119 14.66 -24.40 7.86
C GLY B 119 15.19 -25.69 8.44
N GLY B 120 15.12 -26.74 7.62
CA GLY B 120 15.49 -28.07 8.03
C GLY B 120 14.47 -29.11 7.63
N GLY B 121 13.78 -28.87 6.51
CA GLY B 121 12.83 -29.86 5.98
C GLY B 121 11.63 -30.15 6.85
N PHE B 122 11.35 -29.31 7.85
CA PHE B 122 10.36 -29.60 8.90
C PHE B 122 10.72 -30.83 9.74
N TYR B 123 11.92 -31.39 9.58
CA TYR B 123 12.33 -32.54 10.40
C TYR B 123 13.54 -32.23 11.27
N SER B 124 14.17 -31.08 11.12
CA SER B 124 15.38 -30.73 11.84
C SER B 124 15.48 -29.22 11.92
N GLY B 125 16.53 -28.74 12.58
CA GLY B 125 16.78 -27.33 12.71
C GLY B 125 16.82 -26.89 14.16
N ALA B 126 17.44 -25.74 14.43
CA ALA B 126 17.48 -25.18 15.78
C ALA B 126 17.81 -23.71 15.65
N SER B 127 17.27 -22.91 16.58
CA SER B 127 17.63 -21.49 16.60
C SER B 127 19.03 -21.24 17.16
N SER B 128 19.67 -22.24 17.78
CA SER B 128 20.97 -22.08 18.42
C SER B 128 22.16 -22.34 17.49
N LEU B 129 21.91 -22.66 16.22
CA LEU B 129 23.02 -22.96 15.30
C LEU B 129 23.88 -21.72 15.12
N ASP B 130 25.20 -21.93 15.01
CA ASP B 130 26.12 -20.81 14.87
C ASP B 130 25.76 -19.94 13.69
N VAL B 131 25.27 -20.55 12.60
CA VAL B 131 25.05 -19.78 11.39
C VAL B 131 23.85 -18.83 11.52
N TYR B 132 23.03 -19.01 12.56
CA TYR B 132 21.89 -18.13 12.82
C TYR B 132 22.18 -17.12 13.94
N ASP B 133 23.44 -16.97 14.36
CA ASP B 133 23.82 -16.06 15.43
C ASP B 133 23.36 -14.64 15.12
N GLY B 134 22.41 -14.15 15.89
CA GLY B 134 21.88 -12.86 15.48
C GLY B 134 22.66 -11.64 15.93
N ARG B 135 23.90 -11.75 16.41
CA ARG B 135 24.56 -10.58 17.01
C ARG B 135 25.06 -9.58 15.97
N PHE B 136 25.46 -10.02 14.78
CA PHE B 136 26.06 -9.09 13.81
C PHE B 136 25.02 -8.20 13.12
N LEU B 137 23.86 -8.76 12.76
CA LEU B 137 22.80 -7.98 12.12
C LEU B 137 22.31 -6.88 13.04
N VAL B 138 22.10 -7.24 14.30
CA VAL B 138 21.58 -6.31 15.29
C VAL B 138 22.58 -5.19 15.56
N GLN B 139 23.87 -5.51 15.62
CA GLN B 139 24.86 -4.45 15.83
C GLN B 139 24.95 -3.55 14.61
N ALA B 140 25.11 -4.16 13.43
CA ALA B 140 25.37 -3.37 12.22
C ALA B 140 24.14 -2.61 11.74
N GLU B 141 22.94 -3.16 11.92
CA GLU B 141 21.75 -2.58 11.32
C GLU B 141 20.73 -2.11 12.34
N ARG B 142 20.99 -2.33 13.62
CA ARG B 142 20.21 -1.72 14.70
C ARG B 142 18.74 -2.11 14.60
N THR B 143 18.52 -3.41 14.49
CA THR B 143 17.21 -4.03 14.57
C THR B 143 17.12 -4.81 15.86
N VAL B 144 15.92 -5.23 16.19
CA VAL B 144 15.71 -6.28 17.17
C VAL B 144 15.53 -7.58 16.39
N LEU B 145 16.20 -8.65 16.83
CA LEU B 145 16.14 -9.92 16.12
C LEU B 145 15.60 -10.98 17.06
N VAL B 146 14.55 -11.68 16.63
CA VAL B 146 13.92 -12.75 17.39
C VAL B 146 14.03 -14.05 16.59
N SER B 147 14.33 -15.15 17.29
CA SER B 147 14.24 -16.46 16.64
C SER B 147 13.69 -17.45 17.66
N MET B 148 12.88 -18.40 17.18
CA MET B 148 12.24 -19.36 18.07
C MET B 148 12.58 -20.79 17.65
N ASN B 149 12.52 -21.70 18.61
CA ASN B 149 12.48 -23.12 18.32
C ASN B 149 11.02 -23.53 18.10
N TYR B 150 10.79 -24.40 17.11
CA TYR B 150 9.48 -24.99 16.90
C TYR B 150 9.65 -26.48 16.69
N ARG B 151 8.63 -27.25 17.06
CA ARG B 151 8.72 -28.69 16.97
C ARG B 151 8.79 -29.19 15.53
N VAL B 152 9.60 -30.23 15.30
CA VAL B 152 9.84 -30.77 13.98
C VAL B 152 9.59 -32.28 13.99
N GLY B 153 9.61 -32.87 12.80
CA GLY B 153 9.36 -34.29 12.63
C GLY B 153 7.97 -34.63 13.11
N ALA B 154 7.82 -35.86 13.61
CA ALA B 154 6.50 -36.29 14.08
C ALA B 154 6.01 -35.40 15.22
N PHE B 155 6.91 -34.94 16.09
CA PHE B 155 6.49 -34.14 17.24
C PHE B 155 5.78 -32.86 16.81
N GLY B 156 6.17 -32.28 15.68
CA GLY B 156 5.55 -31.06 15.22
C GLY B 156 4.51 -31.26 14.13
N PHE B 157 4.53 -32.40 13.40
CA PHE B 157 3.69 -32.50 12.21
C PHE B 157 3.05 -33.86 11.98
N LEU B 158 3.18 -34.81 12.91
CA LEU B 158 2.37 -36.02 12.80
C LEU B 158 0.90 -35.64 12.85
N ALA B 159 0.12 -36.14 11.90
CA ALA B 159 -1.28 -35.74 11.74
C ALA B 159 -2.15 -36.97 11.55
N LEU B 160 -3.16 -37.11 12.40
CA LEU B 160 -4.30 -37.99 12.15
C LEU B 160 -5.49 -37.06 11.91
N PRO B 161 -5.72 -36.64 10.66
CA PRO B 161 -6.67 -35.54 10.41
C PRO B 161 -8.07 -35.86 10.90
N GLY B 162 -8.67 -34.88 11.56
CA GLY B 162 -9.93 -35.05 12.25
C GLY B 162 -9.79 -35.32 13.72
N SER B 163 -8.70 -35.96 14.14
CA SER B 163 -8.52 -36.32 15.53
C SER B 163 -8.15 -35.11 16.36
N ARG B 164 -8.61 -35.10 17.59
CA ARG B 164 -8.18 -34.05 18.50
C ARG B 164 -6.85 -34.38 19.16
N GLU B 165 -6.40 -35.64 19.09
CA GLU B 165 -5.19 -36.07 19.78
C GLU B 165 -3.93 -35.81 18.96
N ALA B 166 -4.04 -35.77 17.64
CA ALA B 166 -2.91 -35.44 16.78
C ALA B 166 -3.42 -34.68 15.56
N PRO B 167 -3.78 -33.40 15.74
CA PRO B 167 -4.42 -32.67 14.64
C PRO B 167 -3.46 -32.27 13.53
N GLY B 168 -2.16 -32.32 13.75
CA GLY B 168 -1.23 -31.84 12.75
C GLY B 168 -0.98 -30.34 12.85
N ASN B 169 0.13 -29.92 12.25
CA ASN B 169 0.52 -28.52 12.11
C ASN B 169 0.86 -27.86 13.44
N VAL B 170 1.13 -28.62 14.51
CA VAL B 170 1.37 -27.94 15.79
C VAL B 170 2.74 -27.24 15.81
N GLY B 171 3.70 -27.72 15.02
CA GLY B 171 4.93 -26.95 14.88
C GLY B 171 4.71 -25.58 14.27
N LEU B 172 3.76 -25.48 13.33
CA LEU B 172 3.37 -24.16 12.81
C LEU B 172 2.69 -23.33 13.89
N LEU B 173 1.90 -23.95 14.77
CA LEU B 173 1.29 -23.22 15.87
C LEU B 173 2.33 -22.80 16.91
N ASP B 174 3.39 -23.60 17.10
CA ASP B 174 4.52 -23.13 17.93
C ASP B 174 5.06 -21.81 17.38
N GLN B 175 5.24 -21.72 16.06
CA GLN B 175 5.72 -20.47 15.47
C GLN B 175 4.72 -19.33 15.68
N ARG B 176 3.42 -19.59 15.47
CA ARG B 176 2.42 -18.56 15.66
C ARG B 176 2.41 -18.06 17.10
N LEU B 177 2.50 -18.99 18.05
CA LEU B 177 2.55 -18.63 19.46
C LEU B 177 3.76 -17.73 19.74
N ALA B 178 4.92 -18.06 19.18
CA ALA B 178 6.08 -17.18 19.35
C ALA B 178 5.84 -15.82 18.70
N LEU B 179 5.12 -15.78 17.58
CA LEU B 179 4.78 -14.49 16.96
C LEU B 179 3.79 -13.70 17.81
N GLN B 180 2.87 -14.38 18.50
CA GLN B 180 2.01 -13.70 19.46
C GLN B 180 2.82 -13.21 20.64
N TRP B 181 3.80 -14.00 21.08
CA TRP B 181 4.68 -13.56 22.15
C TRP B 181 5.40 -12.28 21.76
N VAL B 182 5.84 -12.19 20.50
CA VAL B 182 6.53 -10.99 20.05
C VAL B 182 5.60 -9.78 20.14
N GLN B 183 4.35 -9.93 19.67
CA GLN B 183 3.39 -8.84 19.74
C GLN B 183 3.22 -8.34 21.16
N GLU B 184 3.17 -9.24 22.13
CA GLU B 184 2.90 -8.84 23.51
C GLU B 184 4.13 -8.36 24.28
N ASN B 185 5.34 -8.81 23.91
CA ASN B 185 6.50 -8.59 24.75
C ASN B 185 7.69 -7.90 24.09
N VAL B 186 7.70 -7.75 22.77
CA VAL B 186 8.95 -7.30 22.15
C VAL B 186 9.23 -5.85 22.52
N ALA B 187 8.20 -5.06 22.82
CA ALA B 187 8.43 -3.66 23.18
C ALA B 187 9.28 -3.54 24.43
N ALA B 188 9.16 -4.50 25.35
CA ALA B 188 9.96 -4.48 26.57
C ALA B 188 11.45 -4.56 26.25
N PHE B 189 11.82 -4.97 25.03
CA PHE B 189 13.21 -5.04 24.60
C PHE B 189 13.60 -3.87 23.70
N GLY B 190 12.66 -2.97 23.40
CA GLY B 190 12.90 -1.90 22.46
C GLY B 190 12.33 -2.14 21.08
N GLY B 191 11.77 -3.32 20.84
CA GLY B 191 11.29 -3.63 19.51
C GLY B 191 9.94 -3.00 19.28
N ASP B 192 9.64 -2.75 18.00
CA ASP B 192 8.38 -2.17 17.58
C ASP B 192 7.47 -3.26 17.07
N PRO B 193 6.42 -3.65 17.81
CA PRO B 193 5.55 -4.72 17.33
C PRO B 193 4.75 -4.38 16.09
N THR B 194 4.73 -3.11 15.67
CA THR B 194 4.04 -2.69 14.44
C THR B 194 4.93 -2.78 13.20
N SER B 195 6.18 -3.25 13.34
CA SER B 195 7.13 -3.38 12.22
C SER B 195 7.90 -4.70 12.42
N VAL B 196 7.25 -5.81 12.13
CA VAL B 196 7.80 -7.15 12.27
C VAL B 196 7.95 -7.75 10.88
N THR B 197 9.19 -8.09 10.51
CA THR B 197 9.47 -8.75 9.24
C THR B 197 9.84 -10.20 9.51
N LEU B 198 9.07 -11.14 8.95
CA LEU B 198 9.42 -12.55 9.03
C LEU B 198 10.43 -12.89 7.94
N PHE B 199 11.50 -13.58 8.29
CA PHE B 199 12.38 -14.14 7.26
C PHE B 199 12.76 -15.56 7.67
N GLY B 200 12.95 -16.39 6.66
CA GLY B 200 13.24 -17.80 6.87
C GLY B 200 13.79 -18.39 5.59
N GLU B 201 14.41 -19.55 5.73
CA GLU B 201 15.07 -20.21 4.61
C GLU B 201 14.56 -21.65 4.50
N SER B 202 14.30 -22.10 3.26
CA SER B 202 13.90 -23.48 2.98
C SER B 202 12.59 -23.75 3.72
N ALA B 203 12.50 -24.77 4.59
CA ALA B 203 11.26 -24.98 5.34
C ALA B 203 10.86 -23.76 6.17
N GLY B 204 11.83 -22.94 6.59
CA GLY B 204 11.49 -21.67 7.23
C GLY B 204 10.78 -20.70 6.28
N ALA B 205 11.26 -20.62 5.03
CA ALA B 205 10.58 -19.81 4.02
C ALA B 205 9.20 -20.39 3.70
N ALA B 206 9.10 -21.71 3.60
CA ALA B 206 7.78 -22.32 3.43
C ALA B 206 6.88 -21.95 4.60
N SER B 207 7.44 -21.92 5.81
CA SER B 207 6.70 -21.51 7.01
C SER B 207 6.24 -20.06 6.92
N VAL B 208 7.16 -19.15 6.59
CA VAL B 208 6.78 -17.76 6.34
C VAL B 208 5.59 -17.68 5.37
N GLY B 209 5.68 -18.40 4.25
CA GLY B 209 4.59 -18.36 3.27
C GLY B 209 3.28 -18.87 3.84
N MET B 210 3.34 -19.89 4.68
CA MET B 210 2.10 -20.40 5.27
C MET B 210 1.49 -19.41 6.24
N HIS B 211 2.32 -18.66 6.99
CA HIS B 211 1.76 -17.60 7.82
C HIS B 211 1.14 -16.51 6.96
N LEU B 212 1.70 -16.24 5.78
CA LEU B 212 1.08 -15.29 4.86
C LEU B 212 -0.31 -15.72 4.48
N LEU B 213 -0.54 -17.03 4.34
CA LEU B 213 -1.80 -17.55 3.80
C LEU B 213 -2.75 -18.03 4.88
N SER B 214 -2.42 -17.83 6.15
CA SER B 214 -3.30 -18.22 7.25
C SER B 214 -3.75 -16.97 8.01
N PRO B 215 -5.03 -16.61 7.95
CA PRO B 215 -5.48 -15.29 8.48
C PRO B 215 -5.12 -15.06 9.95
N PRO B 216 -5.21 -16.05 10.84
CA PRO B 216 -4.82 -15.78 12.24
C PRO B 216 -3.34 -15.43 12.43
N SER B 217 -2.47 -15.75 11.48
CA SER B 217 -1.07 -15.32 11.53
C SER B 217 -0.85 -13.96 10.88
N ARG B 218 -1.71 -13.58 9.93
CA ARG B 218 -1.43 -12.38 9.14
CA ARG B 218 -1.46 -12.37 9.13
C ARG B 218 -1.41 -11.12 9.99
N GLY B 219 -2.15 -11.09 11.08
CA GLY B 219 -2.05 -9.89 11.89
C GLY B 219 -0.83 -9.82 12.76
N LEU B 220 0.05 -10.82 12.71
CA LEU B 220 1.19 -10.89 13.61
C LEU B 220 2.49 -10.37 12.99
N PHE B 221 2.48 -9.95 11.73
CA PHE B 221 3.70 -9.45 11.10
C PHE B 221 3.29 -8.57 9.93
N HIS B 222 4.28 -7.94 9.30
CA HIS B 222 4.00 -6.89 8.32
C HIS B 222 4.68 -7.12 6.98
N ARG B 223 5.85 -7.76 6.97
CA ARG B 223 6.48 -8.16 5.73
C ARG B 223 7.12 -9.53 5.85
N ALA B 224 7.56 -10.04 4.70
CA ALA B 224 8.03 -11.42 4.62
C ALA B 224 9.23 -11.53 3.71
N VAL B 225 10.20 -12.36 4.12
CA VAL B 225 11.35 -12.73 3.30
C VAL B 225 11.37 -14.24 3.18
N LEU B 226 11.38 -14.74 1.93
CA LEU B 226 11.38 -16.17 1.64
C LEU B 226 12.66 -16.50 0.87
N GLN B 227 13.58 -17.18 1.53
CA GLN B 227 14.88 -17.54 0.96
C GLN B 227 14.83 -19.02 0.61
N SER B 228 14.86 -19.35 -0.69
CA SER B 228 15.03 -20.74 -1.16
C SER B 228 13.93 -21.64 -0.62
N GLY B 229 12.71 -21.17 -0.66
CA GLY B 229 11.60 -22.00 -0.23
C GLY B 229 10.30 -21.26 -0.41
N ALA B 230 9.23 -22.04 -0.40
CA ALA B 230 7.91 -21.51 -0.72
C ALA B 230 6.88 -22.49 -0.20
N PRO B 231 5.71 -22.04 0.23
CA PRO B 231 4.74 -22.97 0.82
C PRO B 231 4.10 -23.87 -0.24
N ASN B 232 4.18 -23.51 -1.53
CA ASN B 232 3.67 -24.34 -2.62
C ASN B 232 4.70 -25.35 -3.13
N GLY B 233 5.85 -25.50 -2.48
CA GLY B 233 6.74 -26.60 -2.82
C GLY B 233 6.04 -27.96 -2.83
N PRO B 234 6.43 -28.86 -3.76
CA PRO B 234 5.92 -30.25 -3.72
C PRO B 234 6.30 -31.02 -2.44
N TRP B 235 7.16 -30.48 -1.59
CA TRP B 235 7.59 -31.14 -0.37
C TRP B 235 7.03 -30.49 0.89
N ALA B 236 6.47 -29.29 0.80
CA ALA B 236 6.18 -28.50 1.98
C ALA B 236 4.84 -28.83 2.61
N THR B 237 3.95 -29.50 1.88
CA THR B 237 2.66 -29.87 2.41
C THR B 237 2.33 -31.29 1.99
N VAL B 238 1.37 -31.87 2.69
CA VAL B 238 0.93 -33.23 2.43
C VAL B 238 -0.58 -33.24 2.59
N GLY B 239 -1.26 -34.05 1.76
CA GLY B 239 -2.70 -34.18 1.88
C GLY B 239 -3.10 -35.02 3.09
N MET B 240 -4.37 -34.92 3.47
CA MET B 240 -4.84 -35.62 4.67
C MET B 240 -4.65 -37.13 4.55
N GLY B 241 -5.03 -37.70 3.40
CA GLY B 241 -4.95 -39.15 3.25
C GLY B 241 -3.52 -39.68 3.42
N GLU B 242 -2.57 -39.02 2.78
CA GLU B 242 -1.18 -39.46 2.90
C GLU B 242 -0.61 -39.14 4.29
N ALA B 243 -1.03 -38.05 4.93
CA ALA B 243 -0.56 -37.78 6.29
C ALA B 243 -1.05 -38.86 7.24
N ARG B 244 -2.33 -39.28 7.09
CA ARG B 244 -2.85 -40.34 7.93
CA ARG B 244 -2.86 -40.34 7.93
C ARG B 244 -2.12 -41.66 7.67
N ARG B 245 -1.82 -41.94 6.41
CA ARG B 245 -1.09 -43.16 6.10
C ARG B 245 0.28 -43.16 6.75
N ARG B 246 0.97 -42.01 6.74
CA ARG B 246 2.31 -41.94 7.30
C ARG B 246 2.28 -42.06 8.82
N ALA B 247 1.30 -41.42 9.46
CA ALA B 247 1.14 -41.54 10.91
C ALA B 247 0.86 -42.97 11.32
N THR B 248 0.07 -43.70 10.52
CA THR B 248 -0.28 -45.06 10.92
C THR B 248 0.88 -46.01 10.66
N GLN B 249 1.67 -45.80 9.60
CA GLN B 249 2.85 -46.64 9.44
C GLN B 249 3.90 -46.39 10.52
N LEU B 250 4.02 -45.15 11.02
CA LEU B 250 4.97 -44.94 12.13
C LEU B 250 4.51 -45.71 13.36
N ALA B 251 3.21 -45.68 13.65
CA ALA B 251 2.68 -46.43 14.79
C ALA B 251 3.04 -47.90 14.66
N HIS B 252 2.84 -48.48 13.49
CA HIS B 252 3.13 -49.89 13.27
C HIS B 252 4.61 -50.18 13.45
N LEU B 253 5.48 -49.33 12.90
CA LEU B 253 6.93 -49.54 12.97
C LEU B 253 7.47 -49.46 14.39
N VAL B 254 6.78 -48.77 15.30
CA VAL B 254 7.23 -48.67 16.69
C VAL B 254 6.39 -49.54 17.61
N GLY B 255 5.59 -50.45 17.06
CA GLY B 255 4.91 -51.45 17.87
C GLY B 255 3.59 -51.03 18.48
N CYS B 256 2.89 -50.07 17.88
CA CYS B 256 1.61 -49.58 18.36
C CYS B 256 0.46 -50.08 17.49
N PRO B 257 -0.80 -50.08 18.00
CA PRO B 257 -2.03 -50.37 17.26
C PRO B 257 -2.15 -49.51 15.99
N PRO B 258 -3.14 -49.77 15.09
CA PRO B 258 -4.37 -50.56 15.23
C PRO B 258 -4.17 -52.02 14.86
N GLY B 262 -9.45 -53.11 16.01
CA GLY B 262 -9.24 -51.73 15.63
C GLY B 262 -10.36 -51.17 14.75
N GLY B 263 -10.18 -49.94 14.28
CA GLY B 263 -9.05 -49.11 14.66
C GLY B 263 -9.56 -47.85 15.33
N ASN B 264 -8.68 -47.06 15.93
CA ASN B 264 -9.14 -45.90 16.68
C ASN B 264 -7.98 -44.94 16.91
N ASP B 265 -8.18 -43.67 16.51
CA ASP B 265 -7.10 -42.70 16.59
C ASP B 265 -6.64 -42.49 18.03
N THR B 266 -7.58 -42.43 18.97
CA THR B 266 -7.25 -42.21 20.37
C THR B 266 -6.25 -43.24 20.88
N GLU B 267 -6.52 -44.53 20.65
CA GLU B 267 -5.62 -45.58 21.14
C GLU B 267 -4.28 -45.52 20.43
N LEU B 268 -4.27 -45.16 19.15
CA LEU B 268 -3.03 -45.07 18.40
C LEU B 268 -2.13 -43.98 18.97
N VAL B 269 -2.68 -42.78 19.16
CA VAL B 269 -1.86 -41.68 19.68
C VAL B 269 -1.44 -41.98 21.11
N ALA B 270 -2.34 -42.52 21.94
CA ALA B 270 -1.98 -42.85 23.31
C ALA B 270 -0.77 -43.77 23.35
N CYS B 271 -0.72 -44.76 22.46
CA CYS B 271 0.43 -45.66 22.43
C CYS B 271 1.68 -44.93 21.96
N LEU B 272 1.56 -44.07 20.94
CA LEU B 272 2.71 -43.30 20.50
C LEU B 272 3.26 -42.41 21.62
N ARG B 273 2.39 -41.92 22.51
CA ARG B 273 2.84 -41.03 23.57
C ARG B 273 3.70 -41.76 24.60
N THR B 274 3.60 -43.09 24.69
CA THR B 274 4.42 -43.88 25.61
C THR B 274 5.81 -44.17 25.06
N ARG B 275 6.10 -43.78 23.81
CA ARG B 275 7.37 -44.16 23.20
C ARG B 275 8.42 -43.08 23.44
N PRO B 276 9.64 -43.44 23.84
CA PRO B 276 10.72 -42.46 23.90
C PRO B 276 10.79 -41.68 22.59
N ALA B 277 11.04 -40.37 22.71
CA ALA B 277 11.17 -39.52 21.53
C ALA B 277 12.13 -40.11 20.51
N GLN B 278 13.28 -40.60 20.99
CA GLN B 278 14.29 -41.12 20.07
C GLN B 278 13.76 -42.29 19.24
N VAL B 279 12.79 -43.05 19.75
CA VAL B 279 12.28 -44.19 18.99
C VAL B 279 11.51 -43.71 17.76
N LEU B 280 10.66 -42.69 17.92
CA LEU B 280 9.98 -42.11 16.79
C LEU B 280 10.98 -41.62 15.75
N VAL B 281 12.02 -40.92 16.21
CA VAL B 281 13.04 -40.42 15.30
C VAL B 281 13.68 -41.55 14.52
N ASN B 282 13.90 -42.70 15.16
CA ASN B 282 14.64 -43.78 14.50
C ASN B 282 13.87 -44.39 13.32
N HIS B 283 12.57 -44.19 13.23
CA HIS B 283 11.77 -44.77 12.15
C HIS B 283 11.18 -43.72 11.22
N GLU B 284 11.57 -42.45 11.39
CA GLU B 284 10.94 -41.36 10.68
C GLU B 284 11.04 -41.53 9.17
N TRP B 285 12.24 -41.82 8.68
CA TRP B 285 12.47 -41.84 7.24
C TRP B 285 11.72 -42.97 6.56
N HIS B 286 11.32 -44.00 7.31
CA HIS B 286 10.79 -45.21 6.69
C HIS B 286 9.31 -45.12 6.38
N VAL B 287 8.61 -44.05 6.74
CA VAL B 287 7.21 -43.92 6.31
C VAL B 287 7.05 -43.24 4.97
N LEU B 288 8.15 -42.83 4.33
CA LEU B 288 8.05 -42.28 3.00
C LEU B 288 7.64 -43.38 2.00
N PRO B 289 6.86 -43.03 0.98
CA PRO B 289 6.38 -44.06 0.05
C PRO B 289 7.43 -44.58 -0.92
N GLN B 290 8.58 -43.92 -1.12
CA GLN B 290 9.57 -44.45 -2.03
C GLN B 290 10.93 -43.81 -1.79
N GLU B 291 11.96 -44.45 -2.33
CA GLU B 291 13.27 -43.84 -2.52
C GLU B 291 13.13 -42.43 -3.08
N SER B 292 13.80 -41.46 -2.43
CA SER B 292 13.65 -40.08 -2.88
C SER B 292 14.75 -39.19 -2.29
N VAL B 293 14.89 -38.03 -2.90
CA VAL B 293 15.59 -36.91 -2.27
C VAL B 293 14.62 -35.75 -2.21
N PHE B 294 14.83 -34.86 -1.24
CA PHE B 294 14.02 -33.66 -1.05
C PHE B 294 12.57 -33.99 -0.70
N ARG B 295 12.35 -35.09 0.04
CA ARG B 295 11.04 -35.42 0.59
C ARG B 295 11.20 -35.72 2.07
N PHE B 296 10.21 -35.32 2.86
CA PHE B 296 10.30 -35.39 4.32
C PHE B 296 8.98 -35.92 4.86
N SER B 297 9.06 -36.73 5.92
CA SER B 297 7.90 -37.55 6.32
C SER B 297 6.77 -36.70 6.88
N PHE B 298 7.08 -35.85 7.86
CA PHE B 298 6.03 -35.14 8.60
C PHE B 298 6.15 -33.65 8.30
N VAL B 299 5.25 -33.15 7.47
CA VAL B 299 5.25 -31.75 7.03
C VAL B 299 3.85 -31.19 7.27
N PRO B 300 3.64 -29.88 7.10
CA PRO B 300 2.28 -29.32 7.28
C PRO B 300 1.24 -30.03 6.41
N VAL B 301 0.04 -30.17 6.96
CA VAL B 301 -1.04 -30.90 6.30
C VAL B 301 -2.14 -29.91 5.92
N VAL B 302 -2.64 -30.04 4.70
CA VAL B 302 -3.78 -29.25 4.22
C VAL B 302 -5.04 -29.97 4.70
N ASP B 303 -5.64 -29.46 5.75
CA ASP B 303 -6.84 -30.02 6.32
C ASP B 303 -7.98 -29.03 6.48
N GLY B 304 -7.84 -27.85 5.94
CA GLY B 304 -8.85 -26.83 6.04
C GLY B 304 -8.80 -25.95 7.26
N ASP B 305 -7.87 -26.20 8.15
CA ASP B 305 -7.78 -25.41 9.36
C ASP B 305 -6.68 -24.36 9.28
N PHE B 306 -5.41 -24.71 9.47
CA PHE B 306 -4.36 -23.72 9.36
C PHE B 306 -4.37 -23.20 7.94
N LEU B 307 -4.46 -24.10 6.98
CA LEU B 307 -4.59 -23.76 5.57
C LEU B 307 -5.98 -24.20 5.12
N SER B 308 -6.83 -23.25 4.76
CA SER B 308 -8.17 -23.61 4.30
C SER B 308 -8.18 -24.18 2.88
N ASP B 309 -7.04 -24.17 2.18
CA ASP B 309 -6.92 -24.79 0.86
C ASP B 309 -5.44 -25.00 0.60
N THR B 310 -5.11 -25.60 -0.53
CA THR B 310 -3.70 -25.75 -0.90
C THR B 310 -3.06 -24.36 -1.00
N PRO B 311 -1.75 -24.26 -0.73
CA PRO B 311 -1.10 -22.95 -0.87
C PRO B 311 -1.19 -22.43 -2.29
N GLU B 312 -1.07 -23.32 -3.27
CA GLU B 312 -1.33 -22.96 -4.67
C GLU B 312 -2.67 -22.25 -4.82
N ALA B 313 -3.75 -22.88 -4.34
CA ALA B 313 -5.08 -22.26 -4.47
C ALA B 313 -5.12 -20.92 -3.75
N LEU B 314 -4.62 -20.88 -2.50
CA LEU B 314 -4.70 -19.66 -1.72
C LEU B 314 -3.88 -18.54 -2.35
N ILE B 315 -2.75 -18.89 -2.96
CA ILE B 315 -1.94 -17.88 -3.63
C ILE B 315 -2.68 -17.31 -4.84
N ASN B 316 -3.37 -18.16 -5.62
CA ASN B 316 -4.06 -17.68 -6.80
C ASN B 316 -5.29 -16.85 -6.45
N ALA B 317 -5.95 -17.14 -5.33
CA ALA B 317 -7.18 -16.45 -4.95
C ALA B 317 -6.94 -15.23 -4.08
N GLY B 318 -5.69 -14.85 -3.83
CA GLY B 318 -5.39 -13.87 -2.81
C GLY B 318 -5.31 -12.43 -3.31
N ASP B 319 -5.73 -11.51 -2.44
CA ASP B 319 -5.62 -10.07 -2.62
C ASP B 319 -4.37 -9.64 -1.85
N PHE B 320 -3.27 -9.39 -2.57
CA PHE B 320 -1.98 -9.13 -1.91
C PHE B 320 -1.52 -7.68 -2.06
N HIS B 321 -2.44 -6.76 -2.38
CA HIS B 321 -2.13 -5.34 -2.29
C HIS B 321 -1.76 -4.98 -0.85
N GLY B 322 -0.68 -4.22 -0.70
CA GLY B 322 -0.18 -3.84 0.61
C GLY B 322 0.91 -4.74 1.16
N LEU B 323 1.17 -5.88 0.52
CA LEU B 323 2.26 -6.76 0.93
C LEU B 323 3.54 -6.41 0.18
N GLN B 324 4.65 -6.37 0.89
CA GLN B 324 5.99 -6.41 0.31
C GLN B 324 6.66 -7.72 0.68
N VAL B 325 7.27 -8.39 -0.30
CA VAL B 325 7.99 -9.63 -0.04
C VAL B 325 9.35 -9.55 -0.71
N LEU B 326 10.33 -10.16 -0.07
CA LEU B 326 11.65 -10.39 -0.64
C LEU B 326 11.82 -11.89 -0.80
N VAL B 327 12.11 -12.35 -2.03
CA VAL B 327 12.26 -13.77 -2.30
C VAL B 327 13.53 -13.98 -3.13
N GLY B 328 14.08 -15.19 -3.03
CA GLY B 328 15.24 -15.48 -3.85
C GLY B 328 15.69 -16.92 -3.66
N VAL B 329 16.74 -17.27 -4.41
CA VAL B 329 17.28 -18.62 -4.48
C VAL B 329 18.79 -18.53 -4.57
N VAL B 330 19.47 -19.64 -4.24
CA VAL B 330 20.90 -19.74 -4.55
C VAL B 330 21.08 -20.26 -5.97
N LYS B 331 22.30 -20.12 -6.50
CA LYS B 331 22.58 -20.50 -7.88
C LYS B 331 22.40 -21.99 -8.14
N ASP B 332 22.64 -22.85 -7.14
CA ASP B 332 22.58 -24.32 -7.35
C ASP B 332 21.72 -24.98 -6.26
N GLU B 333 20.40 -24.76 -6.32
CA GLU B 333 19.50 -25.29 -5.30
C GLU B 333 19.58 -26.82 -5.19
N GLY B 334 19.75 -27.53 -6.30
CA GLY B 334 19.59 -28.97 -6.26
C GLY B 334 20.80 -29.80 -5.85
N SER B 335 21.99 -29.21 -5.89
CA SER B 335 23.21 -30.00 -5.87
C SER B 335 23.37 -30.77 -4.55
N TYR B 336 23.25 -30.07 -3.42
CA TYR B 336 23.34 -30.68 -2.09
C TYR B 336 22.58 -31.99 -1.97
N PHE B 337 21.32 -31.99 -2.40
CA PHE B 337 20.44 -33.13 -2.18
C PHE B 337 20.83 -34.38 -2.96
N LEU B 338 21.61 -34.23 -4.04
CA LEU B 338 21.88 -35.38 -4.91
C LEU B 338 22.66 -36.49 -4.20
N VAL B 339 23.50 -36.13 -3.24
CA VAL B 339 24.36 -37.13 -2.58
C VAL B 339 23.59 -37.93 -1.54
N TYR B 340 22.30 -37.63 -1.37
CA TYR B 340 21.47 -38.36 -0.41
C TYR B 340 20.56 -39.38 -1.08
N GLY B 341 20.91 -39.85 -2.27
CA GLY B 341 20.08 -40.87 -2.89
C GLY B 341 20.09 -40.98 -4.39
N ALA B 342 20.61 -39.99 -5.09
CA ALA B 342 20.73 -40.10 -6.54
C ALA B 342 21.85 -41.08 -6.87
N PRO B 343 21.60 -42.08 -7.73
CA PRO B 343 22.66 -43.04 -8.07
C PRO B 343 23.83 -42.36 -8.75
N GLY B 344 25.03 -42.71 -8.28
CA GLY B 344 26.25 -42.21 -8.87
C GLY B 344 26.82 -40.95 -8.25
N PHE B 345 26.14 -40.33 -7.30
CA PHE B 345 26.59 -39.07 -6.72
C PHE B 345 27.33 -39.28 -5.40
N SER B 346 28.37 -38.48 -5.20
CA SER B 346 29.09 -38.42 -3.93
C SER B 346 29.77 -37.06 -3.82
N LYS B 347 29.86 -36.54 -2.59
CA LYS B 347 30.63 -35.31 -2.44
C LYS B 347 32.12 -35.54 -2.66
N ASP B 348 32.55 -36.80 -2.65
CA ASP B 348 33.97 -37.16 -2.67
C ASP B 348 34.53 -37.43 -4.06
N ASN B 349 33.71 -37.42 -5.12
CA ASN B 349 34.23 -37.49 -6.48
C ASN B 349 33.48 -36.49 -7.35
N GLU B 350 33.77 -36.50 -8.66
CA GLU B 350 33.17 -35.52 -9.55
C GLU B 350 31.72 -35.81 -9.87
N SER B 351 31.21 -36.97 -9.48
CA SER B 351 29.81 -37.34 -9.70
C SER B 351 29.43 -37.24 -11.20
N LEU B 352 30.35 -37.66 -12.06
CA LEU B 352 30.13 -37.65 -13.51
C LEU B 352 29.29 -38.86 -13.88
N ILE B 353 27.97 -38.72 -13.77
CA ILE B 353 27.06 -39.85 -13.92
C ILE B 353 26.82 -40.23 -15.38
N SER B 354 26.25 -41.40 -15.60
CA SER B 354 25.92 -41.91 -16.91
C SER B 354 24.44 -41.65 -17.19
N ARG B 355 24.09 -41.77 -18.47
CA ARG B 355 22.70 -41.59 -18.88
C ARG B 355 21.78 -42.50 -18.09
N ALA B 356 22.17 -43.77 -17.90
CA ALA B 356 21.34 -44.69 -17.15
C ALA B 356 21.16 -44.21 -15.71
N GLU B 357 22.23 -43.69 -15.09
CA GLU B 357 22.11 -43.13 -13.74
C GLU B 357 21.25 -41.86 -13.76
N PHE B 358 21.40 -41.03 -14.80
CA PHE B 358 20.57 -39.84 -14.90
C PHE B 358 19.09 -40.22 -14.94
N LEU B 359 18.75 -41.22 -15.77
CA LEU B 359 17.35 -41.60 -15.89
C LEU B 359 16.82 -42.21 -14.59
N ALA B 360 17.64 -43.02 -13.91
CA ALA B 360 17.23 -43.52 -12.60
C ALA B 360 17.13 -42.39 -11.59
N GLY B 361 18.04 -41.40 -11.68
CA GLY B 361 17.98 -40.27 -10.76
C GLY B 361 16.74 -39.42 -10.92
N VAL B 362 16.13 -39.41 -12.11
CA VAL B 362 14.92 -38.61 -12.35
C VAL B 362 13.75 -39.16 -11.54
N ARG B 363 13.65 -40.48 -11.39
CA ARG B 363 12.59 -41.03 -10.56
C ARG B 363 12.86 -40.81 -9.07
N VAL B 364 14.12 -40.67 -8.69
CA VAL B 364 14.45 -40.37 -7.30
C VAL B 364 14.17 -38.91 -6.99
N GLY B 365 14.54 -38.01 -7.90
CA GLY B 365 14.33 -36.60 -7.65
C GLY B 365 12.94 -36.09 -8.00
N VAL B 366 12.15 -36.85 -8.76
CA VAL B 366 10.76 -36.47 -9.04
C VAL B 366 9.87 -37.63 -8.63
N PRO B 367 9.83 -37.97 -7.34
CA PRO B 367 9.16 -39.20 -6.92
C PRO B 367 7.65 -39.11 -7.09
N GLN B 368 7.04 -40.28 -7.22
CA GLN B 368 5.58 -40.41 -7.16
C GLN B 368 4.88 -39.70 -8.32
N VAL B 369 5.50 -39.67 -9.50
CA VAL B 369 4.79 -39.23 -10.71
C VAL B 369 4.72 -40.39 -11.68
N SER B 370 3.76 -40.32 -12.58
CA SER B 370 3.60 -41.34 -13.60
C SER B 370 4.83 -41.41 -14.49
N ASP B 371 4.98 -42.55 -15.16
CA ASP B 371 6.04 -42.72 -16.16
C ASP B 371 5.96 -41.64 -17.24
N LEU B 372 4.75 -41.25 -17.63
CA LEU B 372 4.61 -40.19 -18.62
C LEU B 372 5.18 -38.87 -18.10
N ALA B 373 4.88 -38.52 -16.85
CA ALA B 373 5.45 -37.31 -16.26
C ALA B 373 6.97 -37.38 -16.27
N ALA B 374 7.52 -38.52 -15.84
CA ALA B 374 8.98 -38.69 -15.86
C ALA B 374 9.56 -38.50 -17.26
N GLU B 375 8.90 -39.06 -18.26
CA GLU B 375 9.37 -38.92 -19.64
C GLU B 375 9.40 -37.47 -20.08
N ALA B 376 8.38 -36.68 -19.71
CA ALA B 376 8.40 -35.26 -20.03
C ALA B 376 9.54 -34.53 -19.32
N VAL B 377 9.88 -34.93 -18.07
CA VAL B 377 11.04 -34.31 -17.43
C VAL B 377 12.30 -34.60 -18.22
N VAL B 378 12.48 -35.86 -18.62
CA VAL B 378 13.66 -36.27 -19.38
C VAL B 378 13.73 -35.53 -20.71
N LEU B 379 12.58 -35.32 -21.35
CA LEU B 379 12.54 -34.56 -22.59
C LEU B 379 13.09 -33.16 -22.37
N HIS B 380 12.58 -32.45 -21.36
CA HIS B 380 12.93 -31.05 -21.18
CA HIS B 380 12.95 -31.06 -21.23
C HIS B 380 14.37 -30.89 -20.72
N TYR B 381 14.87 -31.83 -19.91
CA TYR B 381 16.20 -31.64 -19.33
C TYR B 381 17.30 -32.39 -20.07
N THR B 382 16.98 -33.04 -21.18
CA THR B 382 18.02 -33.64 -22.01
C THR B 382 18.45 -32.63 -23.07
N ASP B 383 19.76 -32.50 -23.26
CA ASP B 383 20.29 -31.85 -24.46
C ASP B 383 20.43 -32.92 -25.53
N TRP B 384 19.57 -32.88 -26.55
CA TRP B 384 19.57 -34.00 -27.48
C TRP B 384 20.69 -33.94 -28.52
N LEU B 385 21.51 -32.90 -28.51
CA LEU B 385 22.80 -32.93 -29.19
C LEU B 385 23.89 -33.61 -28.36
N HIS B 386 23.74 -33.66 -27.03
CA HIS B 386 24.73 -34.30 -26.14
C HIS B 386 23.99 -35.12 -25.08
N PRO B 387 23.20 -36.11 -25.49
CA PRO B 387 22.33 -36.81 -24.53
C PRO B 387 23.08 -37.62 -23.49
N GLU B 388 24.37 -37.87 -23.68
CA GLU B 388 25.10 -38.83 -22.85
C GLU B 388 26.29 -38.24 -22.13
N ASP B 389 26.51 -36.94 -22.23
CA ASP B 389 27.68 -36.31 -21.65
C ASP B 389 27.59 -36.25 -20.13
N PRO B 390 28.46 -36.95 -19.39
CA PRO B 390 28.32 -36.99 -17.92
C PRO B 390 28.22 -35.64 -17.22
N ALA B 391 29.09 -34.67 -17.55
CA ALA B 391 29.04 -33.38 -16.87
C ALA B 391 27.69 -32.70 -17.08
N ARG B 392 27.17 -32.74 -18.30
CA ARG B 392 25.86 -32.14 -18.58
C ARG B 392 24.75 -32.89 -17.87
N LEU B 393 24.88 -34.20 -17.71
CA LEU B 393 23.87 -34.95 -16.97
C LEU B 393 23.89 -34.61 -15.49
N ARG B 394 25.08 -34.47 -14.91
CA ARG B 394 25.20 -34.02 -13.52
C ARG B 394 24.47 -32.69 -13.33
N GLU B 395 24.85 -31.68 -14.13
CA GLU B 395 24.21 -30.38 -14.06
C GLU B 395 22.69 -30.48 -14.27
N ALA B 396 22.27 -31.33 -15.21
CA ALA B 396 20.85 -31.36 -15.54
C ALA B 396 20.02 -31.95 -14.41
N LEU B 397 20.52 -33.01 -13.77
CA LEU B 397 19.77 -33.58 -12.65
C LEU B 397 19.79 -32.64 -11.43
N SER B 398 20.86 -31.88 -11.27
CA SER B 398 20.84 -30.84 -10.24
C SER B 398 19.76 -29.81 -10.55
N ASP B 399 19.64 -29.41 -11.81
CA ASP B 399 18.57 -28.51 -12.24
C ASP B 399 17.20 -29.12 -12.04
N VAL B 400 17.04 -30.42 -12.30
CA VAL B 400 15.74 -31.04 -12.09
C VAL B 400 15.31 -30.90 -10.62
N VAL B 401 16.20 -31.29 -9.71
CA VAL B 401 15.86 -31.29 -8.28
C VAL B 401 15.65 -29.86 -7.78
N GLY B 402 16.54 -28.95 -8.15
CA GLY B 402 16.41 -27.56 -7.72
C GLY B 402 15.21 -26.82 -8.31
N ASP B 403 14.92 -27.04 -9.61
CA ASP B 403 13.79 -26.36 -10.24
C ASP B 403 12.46 -26.85 -9.66
N HIS B 404 12.30 -28.16 -9.60
CA HIS B 404 11.07 -28.77 -9.12
C HIS B 404 10.80 -28.40 -7.65
N ASN B 405 11.83 -28.40 -6.82
CA ASN B 405 11.60 -28.24 -5.39
C ASN B 405 11.69 -26.80 -4.90
N VAL B 406 12.48 -25.94 -5.55
CA VAL B 406 12.71 -24.61 -4.99
C VAL B 406 12.46 -23.50 -6.00
N VAL B 407 13.22 -23.48 -7.11
CA VAL B 407 13.21 -22.33 -8.02
C VAL B 407 11.82 -22.11 -8.61
N CYS B 408 11.18 -23.16 -9.11
CA CYS B 408 9.90 -22.88 -9.75
C CYS B 408 8.78 -22.66 -8.75
N PRO B 409 8.75 -23.32 -7.59
CA PRO B 409 7.76 -22.90 -6.57
C PRO B 409 7.95 -21.45 -6.15
N VAL B 410 9.20 -20.98 -6.02
CA VAL B 410 9.45 -19.59 -5.66
C VAL B 410 9.05 -18.65 -6.80
N ALA B 411 9.38 -19.03 -8.05
CA ALA B 411 9.00 -18.20 -9.19
C ALA B 411 7.49 -18.09 -9.31
N GLN B 412 6.77 -19.16 -9.00
CA GLN B 412 5.32 -19.11 -9.06
C GLN B 412 4.76 -18.19 -7.98
N LEU B 413 5.24 -18.37 -6.74
CA LEU B 413 4.82 -17.47 -5.67
C LEU B 413 5.09 -16.02 -6.03
N ALA B 414 6.29 -15.73 -6.56
CA ALA B 414 6.65 -14.35 -6.86
C ALA B 414 5.75 -13.77 -7.94
N GLY B 415 5.49 -14.54 -9.00
CA GLY B 415 4.67 -14.05 -10.09
C GLY B 415 3.23 -13.82 -9.67
N ARG B 416 2.65 -14.76 -8.92
CA ARG B 416 1.26 -14.60 -8.55
C ARG B 416 1.08 -13.46 -7.56
N LEU B 417 1.96 -13.37 -6.56
CA LEU B 417 1.88 -12.27 -5.60
C LEU B 417 2.04 -10.93 -6.30
N ALA B 418 3.03 -10.81 -7.19
CA ALA B 418 3.23 -9.56 -7.92
C ALA B 418 2.00 -9.19 -8.74
N ALA B 419 1.47 -10.16 -9.50
CA ALA B 419 0.31 -9.89 -10.34
C ALA B 419 -0.96 -9.62 -9.54
N GLN B 420 -0.98 -9.92 -8.25
CA GLN B 420 -2.17 -9.70 -7.43
C GLN B 420 -1.92 -8.68 -6.32
N GLY B 421 -0.96 -7.78 -6.52
CA GLY B 421 -0.91 -6.54 -5.76
C GLY B 421 0.28 -6.38 -4.86
N ALA B 422 1.11 -7.40 -4.66
CA ALA B 422 2.26 -7.29 -3.79
C ALA B 422 3.43 -6.66 -4.53
N ARG B 423 4.28 -5.97 -3.79
CA ARG B 423 5.56 -5.53 -4.31
C ARG B 423 6.61 -6.57 -3.97
N VAL B 424 7.20 -7.19 -4.99
CA VAL B 424 8.09 -8.33 -4.83
C VAL B 424 9.50 -7.92 -5.27
N TYR B 425 10.49 -8.27 -4.46
CA TYR B 425 11.89 -8.19 -4.87
C TYR B 425 12.47 -9.59 -4.91
N ALA B 426 13.19 -9.91 -5.99
CA ALA B 426 13.75 -11.22 -6.21
C ALA B 426 15.25 -11.16 -6.42
N TYR B 427 15.96 -12.20 -5.99
CA TYR B 427 17.40 -12.27 -6.13
C TYR B 427 17.82 -13.69 -6.47
N VAL B 428 19.00 -13.81 -7.06
CA VAL B 428 19.73 -15.08 -7.12
C VAL B 428 21.08 -14.86 -6.48
N PHE B 429 21.43 -15.71 -5.52
CA PHE B 429 22.66 -15.58 -4.75
C PHE B 429 23.74 -16.43 -5.41
N GLU B 430 24.79 -15.78 -5.90
CA GLU B 430 25.74 -16.42 -6.80
C GLU B 430 27.17 -16.46 -6.27
N HIS B 431 27.38 -16.23 -4.99
CA HIS B 431 28.72 -16.24 -4.42
C HIS B 431 28.98 -17.56 -3.71
N ARG B 432 30.05 -18.24 -4.11
CA ARG B 432 30.50 -19.44 -3.42
C ARG B 432 31.48 -19.03 -2.33
N ALA B 433 31.17 -19.38 -1.08
CA ALA B 433 31.99 -18.94 0.04
C ALA B 433 33.40 -19.48 -0.10
N SER B 434 34.39 -18.61 0.12
CA SER B 434 35.78 -19.06 0.17
C SER B 434 35.97 -20.20 1.16
N THR B 435 35.11 -20.30 2.15
CA THR B 435 35.21 -21.29 3.22
C THR B 435 34.45 -22.58 2.92
N LEU B 436 33.71 -22.63 1.83
CA LEU B 436 32.81 -23.75 1.57
C LEU B 436 33.58 -25.07 1.51
N SER B 437 33.09 -26.07 2.24
CA SER B 437 33.73 -27.38 2.30
C SER B 437 33.13 -28.42 1.34
N TRP B 438 31.99 -28.13 0.71
CA TRP B 438 31.45 -29.03 -0.30
C TRP B 438 32.28 -28.93 -1.59
N PRO B 439 32.27 -30.00 -2.41
CA PRO B 439 33.10 -29.98 -3.62
C PRO B 439 32.67 -28.87 -4.57
N LEU B 440 33.60 -28.52 -5.46
CA LEU B 440 33.38 -27.41 -6.37
C LEU B 440 32.23 -27.67 -7.35
N TRP B 441 31.96 -28.93 -7.68
CA TRP B 441 30.91 -29.19 -8.66
C TRP B 441 29.53 -28.87 -8.11
N MET B 442 29.40 -28.80 -6.78
CA MET B 442 28.11 -28.42 -6.19
C MET B 442 27.82 -26.93 -6.36
N GLY B 443 28.79 -26.13 -6.78
CA GLY B 443 28.52 -24.71 -7.03
C GLY B 443 28.20 -23.96 -5.75
N VAL B 444 27.11 -23.18 -5.80
CA VAL B 444 26.61 -22.46 -4.64
C VAL B 444 25.40 -23.22 -4.10
N PRO B 445 25.57 -24.09 -3.10
CA PRO B 445 24.47 -24.98 -2.72
C PRO B 445 23.45 -24.28 -1.83
N HIS B 446 22.30 -24.96 -1.74
CA HIS B 446 21.22 -24.62 -0.83
C HIS B 446 21.72 -24.35 0.59
N GLY B 447 21.37 -23.18 1.12
CA GLY B 447 21.66 -22.83 2.51
C GLY B 447 22.87 -21.96 2.71
N TYR B 448 23.68 -21.73 1.68
CA TYR B 448 24.98 -21.10 1.86
C TYR B 448 24.95 -19.61 1.55
N GLU B 449 23.76 -19.03 1.47
CA GLU B 449 23.63 -17.57 1.57
C GLU B 449 23.35 -17.13 3.00
N ILE B 450 22.87 -18.01 3.87
CA ILE B 450 22.42 -17.61 5.21
C ILE B 450 23.56 -16.96 5.99
N GLU B 451 24.74 -17.59 6.01
CA GLU B 451 25.85 -17.06 6.79
C GLU B 451 26.21 -15.64 6.37
N PHE B 452 25.96 -15.27 5.10
CA PHE B 452 26.21 -13.91 4.66
C PHE B 452 25.11 -12.96 5.11
N ILE B 453 23.85 -13.41 5.11
CA ILE B 453 22.75 -12.55 5.55
C ILE B 453 22.93 -12.22 7.03
N PHE B 454 23.40 -13.18 7.83
CA PHE B 454 23.61 -12.98 9.25
C PHE B 454 24.95 -12.33 9.56
N GLY B 455 25.74 -11.97 8.56
CA GLY B 455 26.98 -11.29 8.81
C GLY B 455 28.04 -12.14 9.50
N ILE B 456 27.91 -13.46 9.46
CA ILE B 456 28.91 -14.36 10.02
C ILE B 456 30.32 -14.04 9.53
N PRO B 457 30.54 -13.64 8.23
CA PRO B 457 31.90 -13.28 7.83
C PRO B 457 32.59 -12.24 8.70
N LEU B 458 31.84 -11.40 9.43
CA LEU B 458 32.47 -10.38 10.25
C LEU B 458 33.15 -10.95 11.48
N ASP B 459 32.87 -12.21 11.82
CA ASP B 459 33.50 -12.90 12.92
C ASP B 459 34.99 -13.05 12.65
N PRO B 460 35.85 -12.32 13.38
CA PRO B 460 37.28 -12.33 13.03
C PRO B 460 37.95 -13.68 13.19
N SER B 461 37.43 -14.55 14.04
CA SER B 461 37.94 -15.91 14.19
C SER B 461 37.57 -16.85 13.04
N ARG B 462 36.93 -16.35 11.98
CA ARG B 462 36.69 -17.15 10.79
C ARG B 462 37.56 -16.64 9.64
N ASN B 463 37.60 -17.42 8.57
CA ASN B 463 38.60 -17.25 7.53
C ASN B 463 38.06 -16.53 6.29
N TYR B 464 37.02 -15.74 6.42
CA TYR B 464 36.47 -15.06 5.26
C TYR B 464 37.39 -13.94 4.81
N THR B 465 37.34 -13.62 3.52
CA THR B 465 38.17 -12.57 2.95
C THR B 465 37.60 -11.19 3.26
N ALA B 466 38.41 -10.16 3.02
CA ALA B 466 37.95 -8.79 3.24
C ALA B 466 36.79 -8.44 2.31
N GLU B 467 36.87 -8.86 1.05
CA GLU B 467 35.76 -8.58 0.15
C GLU B 467 34.50 -9.34 0.59
N GLU B 468 34.65 -10.50 1.22
CA GLU B 468 33.46 -11.22 1.67
C GLU B 468 32.77 -10.51 2.82
N LYS B 469 33.55 -9.87 3.71
CA LYS B 469 32.97 -9.09 4.79
C LYS B 469 32.19 -7.91 4.25
N ILE B 470 32.78 -7.18 3.31
CA ILE B 470 32.07 -6.08 2.66
C ILE B 470 30.78 -6.59 2.00
N PHE B 471 30.83 -7.80 1.44
CA PHE B 471 29.64 -8.39 0.81
C PHE B 471 28.58 -8.71 1.86
N ALA B 472 28.97 -9.29 2.99
CA ALA B 472 28.01 -9.53 4.06
C ALA B 472 27.35 -8.23 4.51
N GLN B 473 28.14 -7.15 4.62
CA GLN B 473 27.61 -5.87 5.05
C GLN B 473 26.60 -5.34 4.05
N ARG B 474 26.87 -5.48 2.74
CA ARG B 474 25.88 -5.13 1.71
C ARG B 474 24.58 -5.89 1.88
N LEU B 475 24.66 -7.21 2.09
CA LEU B 475 23.45 -8.01 2.18
C LEU B 475 22.67 -7.68 3.44
N MET B 476 23.37 -7.50 4.57
CA MET B 476 22.71 -7.09 5.81
C MET B 476 21.98 -5.77 5.62
N ARG B 477 22.57 -4.84 4.86
CA ARG B 477 21.91 -3.56 4.56
C ARG B 477 20.66 -3.77 3.69
N TYR B 478 20.73 -4.62 2.65
CA TYR B 478 19.52 -4.86 1.85
C TYR B 478 18.40 -5.42 2.70
N TRP B 479 18.71 -6.47 3.50
CA TRP B 479 17.69 -7.14 4.29
C TRP B 479 17.08 -6.19 5.32
N ALA B 480 17.90 -5.37 5.98
CA ALA B 480 17.39 -4.45 6.98
C ALA B 480 16.68 -3.27 6.33
N ASN B 481 17.18 -2.77 5.19
CA ASN B 481 16.44 -1.77 4.44
C ASN B 481 15.04 -2.27 4.15
N PHE B 482 14.93 -3.54 3.71
CA PHE B 482 13.62 -4.10 3.38
C PHE B 482 12.76 -4.22 4.64
N ALA B 483 13.34 -4.66 5.75
CA ALA B 483 12.56 -4.74 6.99
C ALA B 483 12.05 -3.36 7.43
N ARG B 484 12.84 -2.31 7.18
CA ARG B 484 12.47 -0.97 7.64
C ARG B 484 11.44 -0.31 6.76
N THR B 485 11.51 -0.53 5.44
CA THR B 485 10.74 0.26 4.50
C THR B 485 9.98 -0.57 3.46
N GLY B 486 10.17 -1.88 3.43
CA GLY B 486 9.62 -2.67 2.34
C GLY B 486 10.34 -2.53 1.02
N ASP B 487 11.52 -1.93 1.02
CA ASP B 487 12.30 -1.69 -0.19
C ASP B 487 13.77 -1.91 0.14
N PRO B 488 14.45 -2.90 -0.47
CA PRO B 488 15.86 -3.13 -0.11
C PRO B 488 16.81 -2.04 -0.57
N ASN B 489 16.40 -1.20 -1.50
CA ASN B 489 17.35 -0.28 -2.13
C ASN B 489 17.91 0.75 -1.17
N GLU B 490 19.20 1.02 -1.32
CA GLU B 490 19.82 2.19 -0.72
C GLU B 490 19.55 3.42 -1.60
N PRO B 491 19.77 4.63 -1.07
CA PRO B 491 19.72 5.82 -1.92
C PRO B 491 20.56 5.65 -3.19
N ARG B 492 20.01 6.14 -4.30
CA ARG B 492 20.70 6.10 -5.59
C ARG B 492 22.10 6.69 -5.45
N ASP B 493 23.08 6.00 -6.03
CA ASP B 493 24.50 6.35 -5.81
C ASP B 493 24.82 7.79 -6.18
N ALA B 496 22.77 2.72 -8.04
CA ALA B 496 23.71 1.86 -7.33
C ALA B 496 24.40 0.77 -8.18
N PRO B 497 23.71 0.19 -9.18
CA PRO B 497 22.35 0.29 -9.76
C PRO B 497 21.21 -0.15 -8.83
N GLN B 498 20.00 0.23 -9.20
CA GLN B 498 18.84 -0.01 -8.38
C GLN B 498 18.31 -1.43 -8.57
N TRP B 499 17.75 -1.98 -7.50
CA TRP B 499 17.11 -3.28 -7.50
C TRP B 499 15.64 -3.09 -7.87
N PRO B 500 15.19 -3.50 -9.06
CA PRO B 500 13.79 -3.25 -9.46
C PRO B 500 12.87 -4.34 -8.96
N PRO B 501 11.59 -4.02 -8.76
CA PRO B 501 10.64 -5.06 -8.34
C PRO B 501 10.45 -6.14 -9.40
N TYR B 502 10.16 -7.34 -8.92
CA TYR B 502 9.84 -8.47 -9.79
C TYR B 502 8.39 -8.37 -10.23
N THR B 503 8.16 -8.56 -11.53
CA THR B 503 6.82 -8.56 -12.08
C THR B 503 6.61 -9.79 -12.95
N ALA B 504 5.36 -10.25 -13.04
CA ALA B 504 5.07 -11.43 -13.84
C ALA B 504 5.49 -11.26 -15.29
N GLY B 505 5.44 -10.03 -15.82
CA GLY B 505 5.87 -9.79 -17.18
C GLY B 505 7.37 -9.66 -17.36
N ALA B 506 7.97 -8.61 -16.77
CA ALA B 506 9.39 -8.37 -16.97
C ALA B 506 10.26 -9.39 -16.23
N GLN B 507 9.76 -9.93 -15.12
CA GLN B 507 10.43 -11.02 -14.38
C GLN B 507 11.84 -10.61 -13.94
N GLN B 508 12.01 -9.38 -13.50
CA GLN B 508 13.35 -8.90 -13.18
C GLN B 508 13.78 -9.29 -11.79
N TYR B 509 15.05 -9.68 -11.68
CA TYR B 509 15.67 -10.00 -10.39
C TYR B 509 17.11 -9.54 -10.47
N VAL B 510 17.81 -9.51 -9.32
CA VAL B 510 19.23 -9.16 -9.32
C VAL B 510 20.07 -10.37 -8.92
N SER B 511 21.32 -10.37 -9.37
CA SER B 511 22.30 -11.32 -8.84
C SER B 511 23.04 -10.69 -7.67
N LEU B 512 23.25 -11.49 -6.62
CA LEU B 512 23.99 -11.05 -5.44
C LEU B 512 25.33 -11.78 -5.44
N ASP B 513 26.41 -11.04 -5.66
CA ASP B 513 27.76 -11.59 -5.48
C ASP B 513 28.71 -10.42 -5.21
N LEU B 514 30.01 -10.66 -5.37
CA LEU B 514 30.98 -9.62 -5.01
C LEU B 514 30.92 -8.41 -5.93
N ARG B 515 30.43 -8.57 -7.16
CA ARG B 515 30.28 -7.46 -8.10
C ARG B 515 29.03 -6.66 -7.78
N PRO B 516 28.91 -5.43 -8.31
CA PRO B 516 27.68 -4.67 -8.09
C PRO B 516 26.46 -5.39 -8.65
N LEU B 517 25.29 -5.03 -8.13
CA LEU B 517 24.03 -5.60 -8.59
C LEU B 517 23.97 -5.58 -10.10
N GLU B 518 23.52 -6.69 -10.66
CA GLU B 518 23.26 -6.78 -12.09
C GLU B 518 21.83 -7.28 -12.24
N VAL B 519 21.03 -6.57 -13.02
CA VAL B 519 19.63 -6.91 -13.24
C VAL B 519 19.53 -7.90 -14.39
N ARG B 520 18.79 -8.99 -14.17
CA ARG B 520 18.55 -10.03 -15.15
C ARG B 520 17.06 -10.32 -15.22
N ARG B 521 16.64 -11.11 -16.22
CA ARG B 521 15.25 -11.43 -16.47
C ARG B 521 15.02 -12.95 -16.40
N GLY B 522 13.92 -13.35 -15.77
CA GLY B 522 13.50 -14.75 -15.79
C GLY B 522 14.16 -15.67 -14.78
N LEU B 523 13.36 -16.16 -13.83
CA LEU B 523 13.80 -17.17 -12.87
C LEU B 523 13.61 -18.53 -13.52
N ARG B 524 14.57 -18.92 -14.35
CA ARG B 524 14.48 -20.17 -15.09
CA ARG B 524 14.50 -20.16 -15.13
C ARG B 524 13.11 -20.30 -15.78
N ALA B 525 12.77 -19.28 -16.58
CA ALA B 525 11.41 -19.18 -17.11
C ALA B 525 11.03 -20.39 -17.96
N GLN B 526 11.94 -20.87 -18.81
CA GLN B 526 11.58 -22.00 -19.68
C GLN B 526 11.34 -23.27 -18.87
N ALA B 527 12.21 -23.55 -17.90
CA ALA B 527 12.02 -24.74 -17.07
C ALA B 527 10.79 -24.60 -16.19
N CYS B 528 10.54 -23.40 -15.66
CA CYS B 528 9.40 -23.23 -14.75
C CYS B 528 8.05 -23.19 -15.46
N ALA B 529 8.02 -22.82 -16.74
CA ALA B 529 6.80 -23.03 -17.52
C ALA B 529 6.41 -24.51 -17.55
N PHE B 530 7.40 -25.40 -17.64
CA PHE B 530 7.11 -26.83 -17.59
C PHE B 530 6.50 -27.22 -16.25
N TRP B 531 7.20 -26.88 -15.14
CA TRP B 531 6.74 -27.30 -13.81
C TRP B 531 5.45 -26.60 -13.40
N ASN B 532 5.33 -25.31 -13.71
CA ASN B 532 4.23 -24.52 -13.17
C ASN B 532 3.02 -24.49 -14.09
N ARG B 533 3.20 -24.63 -15.40
CA ARG B 533 2.11 -24.56 -16.34
C ARG B 533 1.73 -25.90 -16.95
N PHE B 534 2.69 -26.62 -17.51
CA PHE B 534 2.33 -27.84 -18.24
C PHE B 534 2.10 -29.03 -17.32
N LEU B 535 3.07 -29.33 -16.45
CA LEU B 535 3.00 -30.58 -15.70
C LEU B 535 1.72 -30.75 -14.87
N PRO B 536 1.14 -29.72 -14.25
CA PRO B 536 -0.15 -29.95 -13.57
C PRO B 536 -1.25 -30.40 -14.53
N LYS B 537 -1.29 -29.84 -15.75
CA LYS B 537 -2.29 -30.29 -16.73
C LYS B 537 -2.12 -31.77 -17.03
N LEU B 538 -0.87 -32.22 -17.17
CA LEU B 538 -0.60 -33.60 -17.49
C LEU B 538 -1.02 -34.53 -16.36
N LEU B 539 -0.66 -34.19 -15.11
CA LEU B 539 -0.97 -35.06 -13.98
C LEU B 539 -2.47 -35.20 -13.78
N SER B 540 -3.24 -34.14 -14.05
CA SER B 540 -4.68 -34.18 -13.84
C SER B 540 -5.46 -34.78 -15.02
N ALA B 541 -4.80 -35.12 -16.12
CA ALA B 541 -5.50 -35.70 -17.28
C ALA B 541 -4.89 -37.02 -17.72
#